data_5ZBA
#
_entry.id   5ZBA
#
_cell.length_a   111.903
_cell.length_b   111.903
_cell.length_c   332.715
_cell.angle_alpha   90.000
_cell.angle_beta   90.000
_cell.angle_gamma   120.000
#
_symmetry.space_group_name_H-M   'P 65 2 2'
#
loop_
_entity.id
_entity.type
_entity.pdbx_description
1 polymer 'DNA damage response protein Rtt109, putative'
2 polymer 'Histone chaperone asf1'
3 polymer 'Histone H3'
4 polymer 'Histone H4'
5 non-polymer 'COENZYME A'
6 non-polymer 'IODIDE ION'
#
loop_
_entity_poly.entity_id
_entity_poly.type
_entity_poly.pdbx_seq_one_letter_code
_entity_poly.pdbx_strand_id
1 'polypeptide(L)'
;SMSKVDVDLGDSLAKVLPTGVKVTIRHISSAPSPCVALFAAPPGEEPESTFCENHFLAVSISPNENEESEVIIFGIEVLV
YGTAHLTTIFVSKADSTGYLHLLKNAPKVSLLRLISNAFLSFLVQTHQRPGVRLMVSLFARAQNQYLFPGSIENPEKHVL
DDRGLIKWWCRVIDPILREYEPETGSHEKAVDDQTQESAKSSATAFLIVPGCDKFETRGFFPITARSDGKDRPRWLNSYP
LHQLCDNPNAPPRCLVPRFPDDP(ALY)TRFLIDLDDELPESTGAAGSKENSGHWRSVKSLAQFWEMMSFRQECSAGRLV
GFLWLVINPPGLVNSVQMTSSRVASRDVENVLSESAKTTHDATKQKDEAASVSSPPHPSTSGLQTSPIALPGVSSSDTHA
TVQQATGPSAFFWPDTGRGHAVLSEEDYKAAINFLIDQDFNTKHKAIASTKAWAEKVASLADQLWVGQRVEGRNATTEPG
QKHTDATTVINTAFVRKRKTADEESDKPGEVRGAPGDSEEVNPTPVQSNQAPSVNVLNANLLRKKKKT
;
A
2 'polypeptide(L)'
;MGSSHHHHHHSSGLVPRGSHMASMTGGQQMGRGSMSVVSLLGVKIVNNPAPFLAPYQFEITFECLEQLQKDLEWKLTYVG
SATSSEYDQELDSLLVGPIPVGVNKFLFEADAPDLKRIPTSEILGVTVILLTCSYDGREFVRVGYYVNNEYDSEELTQDP
PAKPIIERIRRNILAEKPRVTRFAIKWD
;
B
3 'polypeptide(L)'
;MARTKQTARKSTGGKAPRKQLASKAARKSAPSTGGVKKPHRYKPGTVALREIRRFQKSTELLIRKLPFQRLVREIAQDFK
TDLRFQSSAIGALQESVEAYLVSLFEDTNLAAIHAKRVTIQKKDIKLARRLRGERS
;
C
4 'polypeptide(L)'
;MSGRGKGGKGLGKGGAKRHRKILRDNIQGITKPAIRRLARRGGVKRISGLIYEEVRAVLKSFLESVIRDSVTYTEHAKRK
TVTSLDVVYALKRQGRTLYGFGG
;
D
#
loop_
_chem_comp.id
_chem_comp.type
_chem_comp.name
_chem_comp.formula
COA non-polymer 'COENZYME A' 'C21 H36 N7 O16 P3 S'
IOD non-polymer 'IODIDE ION' 'I -1'
#
# COMPACT_ATOMS: atom_id res chain seq x y z
N ASP A 8 -34.59 -6.64 4.20
CA ASP A 8 -33.93 -7.69 3.43
C ASP A 8 -32.75 -7.13 2.63
N LEU A 9 -31.59 -7.75 2.81
CA LEU A 9 -30.37 -7.31 2.13
C LEU A 9 -30.43 -7.61 0.63
N GLY A 10 -31.07 -8.73 0.29
CA GLY A 10 -31.20 -9.13 -1.11
C GLY A 10 -31.96 -8.09 -1.91
N ASP A 11 -33.00 -7.52 -1.30
CA ASP A 11 -33.80 -6.50 -1.95
C ASP A 11 -33.01 -5.20 -2.11
N SER A 12 -32.23 -4.86 -1.09
CA SER A 12 -31.41 -3.66 -1.12
C SER A 12 -30.34 -3.74 -2.20
N LEU A 13 -29.76 -4.92 -2.35
CA LEU A 13 -28.72 -5.14 -3.35
C LEU A 13 -29.32 -5.25 -4.74
N ALA A 14 -30.53 -5.78 -4.83
CA ALA A 14 -31.20 -5.95 -6.12
C ALA A 14 -31.52 -4.61 -6.78
N LYS A 15 -31.75 -3.59 -5.96
CA LYS A 15 -32.12 -2.28 -6.46
C LYS A 15 -30.93 -1.52 -7.05
N VAL A 16 -29.73 -2.04 -6.80
CA VAL A 16 -28.50 -1.38 -7.26
C VAL A 16 -27.92 -2.04 -8.50
N LEU A 17 -27.84 -3.37 -8.49
CA LEU A 17 -27.27 -4.13 -9.59
C LEU A 17 -28.02 -3.89 -10.90
N PRO A 18 -27.29 -3.95 -12.02
CA PRO A 18 -27.89 -3.80 -13.35
C PRO A 18 -28.96 -4.85 -13.63
N THR A 19 -29.86 -4.56 -14.58
CA THR A 19 -30.94 -5.48 -14.93
C THR A 19 -30.40 -6.73 -15.63
N GLY A 20 -30.85 -7.89 -15.18
CA GLY A 20 -30.45 -9.14 -15.79
C GLY A 20 -29.15 -9.68 -15.24
N VAL A 21 -28.84 -9.32 -14.00
CA VAL A 21 -27.63 -9.79 -13.34
C VAL A 21 -27.96 -10.74 -12.20
N LYS A 22 -27.83 -12.04 -12.46
CA LYS A 22 -28.12 -13.06 -11.46
C LYS A 22 -26.91 -13.33 -10.58
N VAL A 23 -27.09 -13.21 -9.27
CA VAL A 23 -26.00 -13.35 -8.32
C VAL A 23 -26.46 -14.05 -7.04
N THR A 24 -25.74 -15.09 -6.64
CA THR A 24 -26.04 -15.80 -5.40
C THR A 24 -25.22 -15.24 -4.25
N ILE A 25 -25.89 -14.77 -3.21
CA ILE A 25 -25.20 -14.17 -2.08
C ILE A 25 -25.36 -14.98 -0.80
N ARG A 26 -24.37 -14.84 0.08
CA ARG A 26 -24.41 -15.45 1.41
C ARG A 26 -23.92 -14.43 2.44
N HIS A 27 -24.72 -14.22 3.49
CA HIS A 27 -24.40 -13.21 4.48
C HIS A 27 -24.29 -13.83 5.87
N ILE A 28 -23.06 -14.08 6.31
CA ILE A 28 -22.84 -14.70 7.61
C ILE A 28 -22.53 -13.68 8.69
N SER A 29 -23.32 -13.70 9.76
CA SER A 29 -23.07 -12.79 10.88
C SER A 29 -23.04 -13.53 12.21
N SER A 30 -22.75 -12.80 13.27
CA SER A 30 -22.76 -13.36 14.62
C SER A 30 -23.55 -12.45 15.55
N ALA A 31 -24.12 -13.04 16.59
CA ALA A 31 -24.88 -12.27 17.57
C ALA A 31 -23.98 -11.29 18.30
N PRO A 32 -24.46 -10.05 18.46
CA PRO A 32 -23.71 -8.99 19.17
C PRO A 32 -23.31 -9.43 20.57
N SER A 33 -22.02 -9.58 20.80
CA SER A 33 -21.51 -10.07 22.08
C SER A 33 -20.47 -9.13 22.67
N PRO A 34 -20.36 -9.09 24.01
CA PRO A 34 -19.38 -8.24 24.69
C PRO A 34 -17.95 -8.47 24.22
N CYS A 35 -17.18 -7.41 24.12
CA CYS A 35 -15.80 -7.48 23.64
C CYS A 35 -14.93 -6.42 24.28
N VAL A 36 -13.68 -6.36 23.85
CA VAL A 36 -12.74 -5.36 24.36
C VAL A 36 -13.08 -3.99 23.79
N ALA A 37 -12.92 -2.95 24.61
CA ALA A 37 -13.22 -1.59 24.19
C ALA A 37 -12.38 -1.17 22.99
N LEU A 38 -13.00 -0.49 22.05
CA LEU A 38 -12.33 -0.04 20.84
C LEU A 38 -11.35 1.09 21.15
N PHE A 39 -11.67 1.87 22.17
CA PHE A 39 -10.80 2.96 22.61
C PHE A 39 -10.18 2.65 23.97
N ALA A 40 -8.94 3.07 24.15
CA ALA A 40 -8.23 2.86 25.41
C ALA A 40 -8.86 3.70 26.52
N ALA A 41 -8.89 3.15 27.73
CA ALA A 41 -9.50 3.82 28.86
C ALA A 41 -8.59 4.90 29.43
N PRO A 42 -9.15 6.09 29.70
CA PRO A 42 -8.44 7.18 30.36
C PRO A 42 -7.91 6.74 31.73
N PRO A 43 -6.82 7.37 32.20
CA PRO A 43 -6.23 7.00 33.48
C PRO A 43 -7.19 7.18 34.66
N GLY A 44 -7.28 6.17 35.52
CA GLY A 44 -8.14 6.24 36.68
C GLY A 44 -9.59 5.93 36.39
N GLU A 45 -9.87 5.45 35.18
CA GLU A 45 -11.23 5.11 34.80
C GLU A 45 -11.35 3.69 34.26
N GLU A 46 -12.55 3.35 33.80
CA GLU A 46 -12.81 2.04 33.22
C GLU A 46 -13.18 2.17 31.75
N PRO A 47 -12.87 1.15 30.94
CA PRO A 47 -13.21 1.17 29.51
C PRO A 47 -14.72 1.15 29.29
N GLU A 48 -15.17 1.80 28.22
CA GLU A 48 -16.59 1.77 27.86
C GLU A 48 -16.98 0.36 27.43
N SER A 49 -18.14 -0.09 27.88
CA SER A 49 -18.64 -1.41 27.51
C SER A 49 -18.92 -1.45 26.01
N THR A 50 -18.24 -2.36 25.32
CA THR A 50 -18.36 -2.45 23.87
C THR A 50 -18.94 -3.78 23.43
N PHE A 51 -19.93 -3.73 22.54
CA PHE A 51 -20.51 -4.93 21.97
C PHE A 51 -20.11 -5.06 20.50
N CYS A 52 -19.44 -6.17 20.17
CA CYS A 52 -18.99 -6.42 18.81
C CYS A 52 -19.97 -7.29 18.05
N GLU A 53 -19.95 -7.18 16.74
CA GLU A 53 -20.85 -7.91 15.87
C GLU A 53 -20.21 -8.13 14.50
N ASN A 54 -19.88 -9.38 14.20
CA ASN A 54 -19.19 -9.71 12.96
C ASN A 54 -20.15 -9.83 11.77
N HIS A 55 -19.65 -9.45 10.59
CA HIS A 55 -20.43 -9.60 9.36
C HIS A 55 -19.53 -9.98 8.19
N PHE A 56 -20.06 -10.81 7.30
CA PHE A 56 -19.31 -11.24 6.13
C PHE A 56 -20.23 -11.48 4.95
N LEU A 57 -19.91 -10.86 3.81
CA LEU A 57 -20.69 -11.04 2.60
C LEU A 57 -19.88 -11.78 1.55
N ALA A 58 -20.49 -12.83 0.99
CA ALA A 58 -19.88 -13.61 -0.08
C ALA A 58 -20.78 -13.59 -1.30
N VAL A 59 -20.29 -12.94 -2.36
CA VAL A 59 -21.03 -12.81 -3.61
C VAL A 59 -20.45 -13.74 -4.67
N SER A 60 -21.31 -14.59 -5.23
CA SER A 60 -20.90 -15.57 -6.23
C SER A 60 -21.83 -15.55 -7.44
N ILE A 61 -21.35 -16.11 -8.55
CA ILE A 61 -22.15 -16.23 -9.76
C ILE A 61 -22.15 -17.67 -10.27
N SER A 62 -22.69 -17.86 -11.48
CA SER A 62 -22.68 -19.16 -12.12
C SER A 62 -22.07 -19.08 -13.52
N PRO A 63 -21.10 -19.96 -13.80
CA PRO A 63 -20.51 -20.05 -15.14
C PRO A 63 -21.47 -20.70 -16.15
N ASN A 64 -22.67 -21.02 -15.68
CA ASN A 64 -23.77 -21.49 -16.50
C ASN A 64 -23.50 -22.82 -17.19
N GLU A 65 -22.75 -23.71 -16.53
CA GLU A 65 -22.63 -25.07 -17.00
C GLU A 65 -23.96 -25.77 -16.72
N ASN A 66 -24.40 -25.68 -15.47
CA ASN A 66 -25.74 -26.08 -15.07
C ASN A 66 -26.31 -25.03 -14.12
N GLU A 67 -26.79 -25.47 -12.97
CA GLU A 67 -27.23 -24.55 -11.92
C GLU A 67 -26.31 -24.71 -10.71
N GLU A 68 -25.80 -25.92 -10.53
CA GLU A 68 -24.93 -26.24 -9.41
C GLU A 68 -23.58 -25.54 -9.53
N SER A 69 -23.18 -25.24 -10.77
CA SER A 69 -21.93 -24.53 -11.02
C SER A 69 -21.98 -23.13 -10.39
N GLU A 70 -21.13 -22.92 -9.40
CA GLU A 70 -21.13 -21.68 -8.64
C GLU A 70 -19.72 -21.30 -8.21
N VAL A 71 -19.34 -20.06 -8.47
CA VAL A 71 -18.00 -19.58 -8.13
C VAL A 71 -18.05 -18.19 -7.48
N ILE A 72 -17.38 -18.05 -6.34
CA ILE A 72 -17.34 -16.78 -5.63
C ILE A 72 -16.56 -15.73 -6.41
N ILE A 73 -17.17 -14.55 -6.57
CA ILE A 73 -16.52 -13.47 -7.29
C ILE A 73 -16.10 -12.33 -6.37
N PHE A 74 -16.67 -12.29 -5.16
CA PHE A 74 -16.36 -11.23 -4.23
C PHE A 74 -16.58 -11.66 -2.78
N GLY A 75 -15.82 -11.06 -1.86
CA GLY A 75 -15.97 -11.34 -0.45
C GLY A 75 -15.54 -10.13 0.38
N ILE A 76 -16.30 -9.83 1.42
CA ILE A 76 -15.97 -8.69 2.27
C ILE A 76 -16.36 -8.91 3.73
N GLU A 77 -15.40 -8.73 4.63
CA GLU A 77 -15.63 -8.90 6.06
C GLU A 77 -15.60 -7.56 6.78
N VAL A 78 -16.69 -7.29 7.50
CA VAL A 78 -16.89 -6.03 8.20
C VAL A 78 -17.24 -6.25 9.67
N LEU A 79 -16.56 -5.54 10.56
CA LEU A 79 -16.84 -5.61 11.99
C LEU A 79 -17.68 -4.41 12.43
N VAL A 80 -18.63 -4.66 13.32
CA VAL A 80 -19.48 -3.59 13.83
C VAL A 80 -19.38 -3.44 15.33
N TYR A 81 -18.98 -2.25 15.79
CA TYR A 81 -18.81 -1.99 17.21
C TYR A 81 -19.95 -1.14 17.75
N GLY A 82 -20.30 -1.35 19.01
CA GLY A 82 -21.38 -0.58 19.61
C GLY A 82 -21.13 -0.22 21.07
N THR A 83 -21.17 1.08 21.36
CA THR A 83 -21.09 1.55 22.73
C THR A 83 -22.29 2.43 23.06
N ALA A 84 -22.21 3.13 24.18
CA ALA A 84 -23.33 3.96 24.63
C ALA A 84 -23.35 5.30 23.90
N HIS A 85 -22.37 5.53 23.03
CA HIS A 85 -22.26 6.80 22.33
C HIS A 85 -21.93 6.65 20.84
N LEU A 86 -21.32 5.52 20.48
CA LEU A 86 -20.80 5.38 19.13
C LEU A 86 -21.08 4.01 18.51
N THR A 87 -21.49 4.01 17.25
CA THR A 87 -21.61 2.79 16.46
C THR A 87 -20.53 2.78 15.39
N THR A 88 -19.60 1.84 15.49
CA THR A 88 -18.46 1.80 14.58
C THR A 88 -18.56 0.66 13.56
N ILE A 89 -18.63 1.01 12.29
CA ILE A 89 -18.64 0.02 11.23
C ILE A 89 -17.27 -0.03 10.55
N PHE A 90 -16.51 -1.09 10.86
CA PHE A 90 -15.14 -1.21 10.37
C PHE A 90 -15.01 -2.28 9.28
N VAL A 91 -14.58 -1.86 8.10
CA VAL A 91 -14.32 -2.79 7.01
C VAL A 91 -12.97 -3.47 7.22
N SER A 92 -13.01 -4.70 7.74
CA SER A 92 -11.78 -5.43 8.03
C SER A 92 -11.08 -5.86 6.75
N LYS A 93 -11.80 -6.58 5.89
CA LYS A 93 -11.18 -7.09 4.67
C LYS A 93 -12.12 -7.06 3.46
N ALA A 94 -11.53 -7.15 2.27
CA ALA A 94 -12.29 -7.16 1.02
C ALA A 94 -11.41 -7.69 -0.11
N ASP A 95 -11.93 -8.65 -0.86
CA ASP A 95 -11.14 -9.29 -1.91
C ASP A 95 -12.02 -9.91 -2.99
N SER A 96 -11.44 -10.13 -4.17
CA SER A 96 -12.16 -10.75 -5.27
C SER A 96 -11.38 -11.96 -5.80
N THR A 97 -12.01 -12.72 -6.69
CA THR A 97 -11.37 -13.88 -7.29
C THR A 97 -11.12 -13.64 -8.77
N GLY A 98 -11.88 -12.71 -9.34
CA GLY A 98 -11.69 -12.33 -10.73
C GLY A 98 -12.43 -13.21 -11.72
N TYR A 99 -13.24 -14.14 -11.22
CA TYR A 99 -13.98 -15.05 -12.09
C TYR A 99 -15.31 -14.43 -12.53
N LEU A 100 -15.50 -13.16 -12.20
CA LEU A 100 -16.66 -12.41 -12.67
C LEU A 100 -16.65 -12.32 -14.19
N HIS A 101 -15.46 -12.47 -14.77
CA HIS A 101 -15.29 -12.53 -16.21
C HIS A 101 -16.09 -13.68 -16.83
N LEU A 102 -16.31 -14.74 -16.05
CA LEU A 102 -17.03 -15.91 -16.54
C LEU A 102 -18.50 -15.62 -16.77
N LEU A 103 -19.00 -14.53 -16.20
CA LEU A 103 -20.39 -14.14 -16.37
C LEU A 103 -20.68 -13.76 -17.81
N LYS A 104 -21.66 -14.43 -18.40
CA LYS A 104 -22.06 -14.16 -19.78
C LYS A 104 -22.64 -12.76 -19.91
N ASN A 105 -22.17 -12.03 -20.91
CA ASN A 105 -22.55 -10.63 -21.13
C ASN A 105 -22.30 -9.76 -19.90
N ALA A 106 -21.04 -9.63 -19.51
CA ALA A 106 -20.65 -8.75 -18.43
C ALA A 106 -20.95 -7.30 -18.81
N PRO A 107 -21.71 -6.59 -17.96
CA PRO A 107 -22.20 -5.25 -18.27
C PRO A 107 -21.11 -4.18 -18.20
N LYS A 108 -19.89 -4.58 -17.85
CA LYS A 108 -18.74 -3.66 -17.79
C LYS A 108 -19.00 -2.48 -16.86
N VAL A 109 -19.64 -2.74 -15.73
CA VAL A 109 -19.91 -1.71 -14.73
C VAL A 109 -19.00 -1.91 -13.52
N SER A 110 -18.85 -0.89 -12.70
CA SER A 110 -18.14 -1.03 -11.44
C SER A 110 -18.98 -1.84 -10.46
N LEU A 111 -19.11 -3.13 -10.73
CA LEU A 111 -20.03 -3.99 -10.00
C LEU A 111 -19.67 -4.15 -8.53
N LEU A 112 -18.42 -4.53 -8.27
CA LEU A 112 -17.96 -4.77 -6.90
C LEU A 112 -18.09 -3.51 -6.04
N ARG A 113 -17.88 -2.35 -6.67
CA ARG A 113 -18.05 -1.07 -6.01
C ARG A 113 -19.49 -0.89 -5.54
N LEU A 114 -20.42 -1.25 -6.43
CA LEU A 114 -21.85 -1.16 -6.14
C LEU A 114 -22.26 -2.14 -5.05
N ILE A 115 -21.67 -3.32 -5.06
CA ILE A 115 -21.95 -4.34 -4.06
C ILE A 115 -21.49 -3.87 -2.68
N SER A 116 -20.26 -3.35 -2.63
CA SER A 116 -19.71 -2.81 -1.40
C SER A 116 -20.58 -1.66 -0.87
N ASN A 117 -20.92 -0.74 -1.76
CA ASN A 117 -21.77 0.39 -1.43
C ASN A 117 -23.10 -0.06 -0.84
N ALA A 118 -23.72 -1.05 -1.48
CA ALA A 118 -25.01 -1.54 -1.06
C ALA A 118 -24.94 -2.22 0.30
N PHE A 119 -23.93 -3.06 0.49
CA PHE A 119 -23.77 -3.79 1.74
C PHE A 119 -23.53 -2.82 2.89
N LEU A 120 -22.63 -1.86 2.69
CA LEU A 120 -22.33 -0.87 3.69
C LEU A 120 -23.54 0.01 4.01
N SER A 121 -24.29 0.37 2.97
CA SER A 121 -25.51 1.16 3.16
C SER A 121 -26.52 0.40 4.00
N PHE A 122 -26.70 -0.88 3.68
CA PHE A 122 -27.61 -1.73 4.42
C PHE A 122 -27.22 -1.83 5.88
N LEU A 123 -25.94 -2.06 6.14
CA LEU A 123 -25.45 -2.15 7.51
C LEU A 123 -25.68 -0.84 8.26
N VAL A 124 -25.36 0.28 7.61
CA VAL A 124 -25.54 1.60 8.22
C VAL A 124 -26.99 1.84 8.59
N GLN A 125 -27.89 1.59 7.65
CA GLN A 125 -29.32 1.80 7.87
C GLN A 125 -29.88 0.89 8.97
N THR A 126 -29.50 -0.38 8.93
CA THR A 126 -30.03 -1.36 9.87
C THR A 126 -29.37 -1.29 11.24
N HIS A 127 -28.29 -0.51 11.35
CA HIS A 127 -27.60 -0.35 12.63
C HIS A 127 -27.59 1.10 13.10
N GLN A 128 -28.33 1.95 12.39
CA GLN A 128 -28.45 3.35 12.78
C GLN A 128 -29.34 3.50 14.00
N ARG A 129 -28.73 3.80 15.15
CA ARG A 129 -29.48 3.98 16.38
C ARG A 129 -29.95 5.42 16.53
N PRO A 130 -31.14 5.60 17.11
CA PRO A 130 -31.73 6.94 17.30
C PRO A 130 -30.85 7.89 18.11
N GLY A 131 -30.37 8.95 17.45
CA GLY A 131 -29.59 9.97 18.13
C GLY A 131 -28.23 9.49 18.60
N VAL A 132 -27.63 8.57 17.85
CA VAL A 132 -26.31 8.06 18.20
C VAL A 132 -25.32 8.27 17.05
N ARG A 133 -24.16 8.83 17.38
CA ARG A 133 -23.10 9.06 16.40
C ARG A 133 -22.66 7.75 15.76
N LEU A 134 -22.60 7.72 14.43
CA LEU A 134 -22.21 6.51 13.73
C LEU A 134 -20.98 6.73 12.87
N MET A 135 -19.97 5.88 13.04
CA MET A 135 -18.72 6.02 12.29
C MET A 135 -18.46 4.82 11.38
N VAL A 136 -17.99 5.10 10.17
CA VAL A 136 -17.59 4.05 9.24
C VAL A 136 -16.10 4.16 8.91
N SER A 137 -15.30 3.28 9.50
CA SER A 137 -13.85 3.36 9.34
C SER A 137 -13.31 2.21 8.50
N LEU A 138 -12.21 2.47 7.79
CA LEU A 138 -11.54 1.42 7.02
C LEU A 138 -10.10 1.80 6.70
N PHE A 139 -9.29 0.78 6.44
CA PHE A 139 -7.87 0.93 6.16
C PHE A 139 -7.56 0.37 4.77
N ALA A 140 -7.35 1.25 3.80
CA ALA A 140 -7.11 0.84 2.43
C ALA A 140 -5.65 0.58 2.15
N ARG A 141 -5.29 -0.69 1.97
CA ARG A 141 -3.94 -1.07 1.59
C ARG A 141 -3.98 -2.05 0.41
N ALA A 142 -3.34 -1.64 -0.69
CA ALA A 142 -3.38 -2.44 -1.91
C ALA A 142 -2.37 -3.59 -1.87
N GLN A 143 -2.89 -4.80 -1.65
CA GLN A 143 -2.06 -6.00 -1.73
C GLN A 143 -2.77 -7.06 -2.57
N ASN A 144 -2.02 -8.08 -2.98
CA ASN A 144 -2.50 -9.05 -3.96
C ASN A 144 -3.79 -9.77 -3.56
N GLN A 145 -3.72 -10.61 -2.53
CA GLN A 145 -4.89 -11.37 -2.11
C GLN A 145 -5.05 -11.37 -0.58
N TYR A 146 -6.29 -11.22 -0.14
CA TYR A 146 -6.60 -11.15 1.28
C TYR A 146 -7.42 -12.35 1.75
N LEU A 147 -8.42 -12.73 0.96
CA LEU A 147 -9.37 -13.75 1.36
C LEU A 147 -9.26 -15.02 0.52
N PHE A 148 -8.86 -14.86 -0.74
CA PHE A 148 -8.83 -15.99 -1.67
C PHE A 148 -7.43 -16.33 -2.12
N PRO A 149 -6.81 -17.34 -1.48
CA PRO A 149 -5.47 -17.79 -1.84
C PRO A 149 -5.40 -18.38 -3.24
N GLY A 150 -4.41 -17.96 -4.02
CA GLY A 150 -4.22 -18.48 -5.36
C GLY A 150 -5.04 -17.74 -6.40
N SER A 151 -5.92 -16.86 -5.95
CA SER A 151 -6.75 -16.08 -6.86
C SER A 151 -5.91 -15.07 -7.62
N ILE A 152 -4.73 -14.78 -7.10
CA ILE A 152 -3.79 -13.87 -7.75
C ILE A 152 -3.26 -14.49 -9.04
N GLU A 153 -3.27 -15.82 -9.10
CA GLU A 153 -2.80 -16.54 -10.28
C GLU A 153 -3.87 -16.57 -11.37
N ASN A 154 -5.02 -15.98 -11.09
CA ASN A 154 -6.05 -15.79 -12.09
C ASN A 154 -5.79 -14.50 -12.86
N PRO A 155 -5.45 -14.63 -14.16
CA PRO A 155 -5.08 -13.50 -15.01
C PRO A 155 -6.18 -12.44 -15.12
N GLU A 156 -7.43 -12.87 -15.00
CA GLU A 156 -8.56 -11.95 -15.16
C GLU A 156 -8.85 -11.16 -13.88
N LYS A 157 -8.06 -11.39 -12.85
CA LYS A 157 -8.20 -10.64 -11.61
C LYS A 157 -7.54 -9.27 -11.72
N HIS A 158 -8.34 -8.23 -11.60
CA HIS A 158 -7.84 -6.86 -11.73
C HIS A 158 -7.47 -6.28 -10.36
N VAL A 159 -6.22 -6.46 -9.95
CA VAL A 159 -5.76 -5.94 -8.68
C VAL A 159 -5.27 -4.51 -8.81
N LEU A 160 -5.98 -3.59 -8.15
CA LEU A 160 -5.64 -2.17 -8.20
C LEU A 160 -4.31 -1.88 -7.52
N ASP A 161 -3.78 -0.69 -7.76
CA ASP A 161 -2.59 -0.23 -7.06
C ASP A 161 -3.02 0.59 -5.85
N ASP A 162 -2.07 1.27 -5.23
CA ASP A 162 -2.34 2.07 -4.03
C ASP A 162 -3.33 3.21 -4.30
N ARG A 163 -2.93 4.12 -5.17
CA ARG A 163 -3.74 5.28 -5.54
C ARG A 163 -5.12 4.86 -6.03
N GLY A 164 -5.13 3.87 -6.92
CA GLY A 164 -6.37 3.35 -7.48
C GLY A 164 -7.31 2.80 -6.43
N LEU A 165 -6.76 2.08 -5.46
CA LEU A 165 -7.59 1.50 -4.40
C LEU A 165 -8.13 2.57 -3.47
N ILE A 166 -7.30 3.55 -3.12
CA ILE A 166 -7.76 4.65 -2.26
C ILE A 166 -8.90 5.42 -2.93
N LYS A 167 -8.68 5.78 -4.19
CA LYS A 167 -9.71 6.44 -4.98
C LYS A 167 -10.97 5.58 -5.07
N TRP A 168 -10.77 4.27 -5.16
CA TRP A 168 -11.87 3.33 -5.27
C TRP A 168 -12.73 3.34 -4.01
N TRP A 169 -12.11 3.19 -2.86
CA TRP A 169 -12.85 3.21 -1.59
C TRP A 169 -13.53 4.56 -1.37
N CYS A 170 -12.85 5.64 -1.76
CA CYS A 170 -13.44 6.96 -1.66
C CYS A 170 -14.71 7.06 -2.50
N ARG A 171 -14.65 6.51 -3.72
CA ARG A 171 -15.82 6.49 -4.60
C ARG A 171 -16.92 5.59 -4.03
N VAL A 172 -16.52 4.57 -3.28
CA VAL A 172 -17.46 3.66 -2.64
C VAL A 172 -18.26 4.39 -1.56
N ILE A 173 -17.54 5.12 -0.71
CA ILE A 173 -18.17 5.78 0.44
C ILE A 173 -18.91 7.06 0.05
N ASP A 174 -18.44 7.74 -0.99
CA ASP A 174 -18.96 9.05 -1.40
C ASP A 174 -20.50 9.18 -1.43
N PRO A 175 -21.22 8.22 -2.07
CA PRO A 175 -22.68 8.39 -2.08
C PRO A 175 -23.31 8.33 -0.69
N ILE A 176 -22.88 7.35 0.10
CA ILE A 176 -23.36 7.21 1.48
C ILE A 176 -23.15 8.51 2.25
N LEU A 177 -21.99 9.13 2.04
CA LEU A 177 -21.69 10.42 2.62
C LEU A 177 -22.68 11.48 2.17
N ARG A 178 -22.95 11.52 0.87
CA ARG A 178 -23.81 12.55 0.29
C ARG A 178 -25.29 12.26 0.52
N GLU A 179 -25.59 11.16 1.20
CA GLU A 179 -26.97 10.85 1.57
C GLU A 179 -27.40 11.64 2.81
N TYR A 180 -26.55 12.55 3.27
CA TYR A 180 -26.84 13.35 4.45
C TYR A 180 -26.54 14.83 4.19
N GLU A 181 -26.75 15.66 5.20
CA GLU A 181 -26.52 17.09 5.09
C GLU A 181 -25.09 17.46 5.47
N PRO A 182 -24.54 18.51 4.84
CA PRO A 182 -23.21 19.01 5.18
C PRO A 182 -23.12 19.49 6.63
N GLU A 183 -21.94 19.36 7.23
CA GLU A 183 -21.74 19.80 8.61
C GLU A 183 -20.86 21.05 8.66
N THR A 184 -21.21 21.97 9.54
CA THR A 184 -20.47 23.22 9.68
C THR A 184 -19.39 23.12 10.76
N LYS A 200 -32.40 16.69 10.79
CA LYS A 200 -31.40 17.03 9.79
C LYS A 200 -30.04 16.43 10.16
N SER A 201 -29.88 15.13 9.88
CA SER A 201 -28.65 14.43 10.20
C SER A 201 -27.49 14.87 9.30
N SER A 202 -26.34 15.12 9.90
CA SER A 202 -25.17 15.57 9.15
C SER A 202 -24.15 14.45 8.98
N ALA A 203 -23.25 14.61 8.02
CA ALA A 203 -22.21 13.61 7.78
C ALA A 203 -20.99 14.23 7.09
N THR A 204 -19.80 13.84 7.54
CA THR A 204 -18.56 14.32 6.95
C THR A 204 -17.55 13.19 6.80
N ALA A 205 -16.72 13.27 5.76
CA ALA A 205 -15.73 12.25 5.48
C ALA A 205 -14.32 12.73 5.80
N PHE A 206 -13.49 11.82 6.30
CA PHE A 206 -12.11 12.15 6.66
C PHE A 206 -11.14 11.16 6.03
N LEU A 207 -10.19 11.68 5.26
CA LEU A 207 -9.19 10.84 4.62
C LEU A 207 -7.77 11.25 5.00
N ILE A 208 -6.94 10.26 5.32
CA ILE A 208 -5.53 10.53 5.62
C ILE A 208 -4.63 9.57 4.87
N VAL A 209 -3.81 10.12 3.97
CA VAL A 209 -2.86 9.32 3.22
C VAL A 209 -1.44 9.65 3.66
N PRO A 210 -0.83 8.78 4.48
CA PRO A 210 0.53 8.94 4.99
C PRO A 210 1.55 9.19 3.88
N GLY A 211 2.25 10.31 3.97
CA GLY A 211 3.27 10.64 2.99
C GLY A 211 2.82 11.69 2.00
N CYS A 212 1.56 12.12 2.12
CA CYS A 212 1.01 13.11 1.21
C CYS A 212 0.52 14.35 1.92
N ASP A 213 0.84 15.51 1.37
CA ASP A 213 0.33 16.77 1.88
C ASP A 213 -1.15 16.90 1.55
N LYS A 214 -1.76 18.00 1.97
CA LYS A 214 -3.20 18.17 1.77
C LYS A 214 -3.54 18.28 0.27
N PHE A 215 -2.68 18.95 -0.49
CA PHE A 215 -2.92 19.12 -1.91
C PHE A 215 -2.88 17.79 -2.66
N GLU A 216 -1.90 16.96 -2.31
CA GLU A 216 -1.75 15.66 -2.95
C GLU A 216 -2.84 14.69 -2.47
N THR A 217 -3.34 14.93 -1.26
CA THR A 217 -4.41 14.10 -0.71
C THR A 217 -5.75 14.42 -1.39
N ARG A 218 -5.96 15.70 -1.69
CA ARG A 218 -7.17 16.16 -2.36
C ARG A 218 -7.44 15.41 -3.66
N GLY A 219 -6.37 14.95 -4.31
CA GLY A 219 -6.48 14.26 -5.58
C GLY A 219 -7.15 12.91 -5.48
N PHE A 220 -7.31 12.40 -4.26
CA PHE A 220 -7.95 11.12 -4.04
C PHE A 220 -9.45 11.26 -3.85
N PHE A 221 -9.88 12.46 -3.49
CA PHE A 221 -11.30 12.74 -3.31
C PHE A 221 -12.06 12.55 -4.61
N PRO A 222 -13.34 12.14 -4.51
CA PRO A 222 -14.20 12.03 -5.70
C PRO A 222 -14.37 13.37 -6.40
N ILE A 223 -14.78 13.34 -7.67
CA ILE A 223 -14.93 14.56 -8.46
C ILE A 223 -15.96 15.49 -7.86
N THR A 224 -16.99 14.92 -7.23
CA THR A 224 -18.06 15.70 -6.62
C THR A 224 -17.53 16.67 -5.57
N ALA A 225 -16.45 16.27 -4.90
CA ALA A 225 -15.84 17.09 -3.86
C ALA A 225 -15.33 18.41 -4.41
N ARG A 226 -15.09 18.45 -5.72
CA ARG A 226 -14.62 19.67 -6.38
C ARG A 226 -15.72 20.71 -6.45
N SER A 227 -16.96 20.28 -6.36
CA SER A 227 -18.10 21.19 -6.48
C SER A 227 -18.94 21.23 -5.22
N ASP A 228 -18.28 21.32 -4.06
CA ASP A 228 -18.99 21.43 -2.79
C ASP A 228 -18.81 22.82 -2.19
N GLY A 229 -19.57 23.10 -1.15
CA GLY A 229 -19.50 24.39 -0.47
C GLY A 229 -18.17 24.59 0.24
N LYS A 230 -17.49 25.68 -0.08
CA LYS A 230 -16.22 26.01 0.55
C LYS A 230 -16.40 26.30 2.03
N ASP A 231 -17.58 26.79 2.39
CA ASP A 231 -17.92 27.08 3.77
C ASP A 231 -18.26 25.79 4.52
N ARG A 232 -18.98 24.89 3.85
CA ARG A 232 -19.39 23.62 4.45
C ARG A 232 -18.96 22.46 3.56
N PRO A 233 -17.69 22.05 3.65
CA PRO A 233 -17.14 20.98 2.82
C PRO A 233 -17.65 19.61 3.23
N ARG A 234 -17.42 18.60 2.39
CA ARG A 234 -17.86 17.24 2.69
C ARG A 234 -16.66 16.34 2.96
N TRP A 235 -15.61 16.51 2.18
CA TRP A 235 -14.38 15.75 2.36
C TRP A 235 -13.31 16.61 3.03
N LEU A 236 -12.61 16.03 3.99
CA LEU A 236 -11.55 16.74 4.71
C LEU A 236 -10.33 15.86 4.93
N ASN A 237 -9.15 16.39 4.62
CA ASN A 237 -7.90 15.69 4.92
C ASN A 237 -7.47 15.96 6.35
N SER A 238 -8.06 15.22 7.28
CA SER A 238 -7.77 15.39 8.70
C SER A 238 -8.26 14.19 9.51
N TYR A 239 -8.37 14.39 10.83
CA TYR A 239 -8.81 13.33 11.72
C TYR A 239 -9.94 13.84 12.60
N PRO A 240 -11.05 13.08 12.67
CA PRO A 240 -12.20 13.46 13.50
C PRO A 240 -11.89 13.37 14.99
N LEU A 241 -11.18 14.37 15.51
CA LEU A 241 -10.77 14.37 16.91
C LEU A 241 -11.91 14.74 17.85
N HIS A 242 -12.48 15.93 17.66
CA HIS A 242 -13.50 16.43 18.55
C HIS A 242 -14.88 15.80 18.33
N GLN A 243 -14.93 14.82 17.43
CA GLN A 243 -16.16 14.10 17.16
C GLN A 243 -16.14 12.72 17.81
N LEU A 244 -15.03 12.02 17.64
CA LEU A 244 -14.88 10.68 18.22
C LEU A 244 -14.68 10.73 19.73
N CYS A 245 -14.13 11.83 20.22
CA CYS A 245 -13.80 11.97 21.63
C CYS A 245 -14.37 13.25 22.22
N ASP A 246 -15.31 13.08 23.15
CA ASP A 246 -15.95 14.22 23.80
C ASP A 246 -15.04 14.86 24.83
N ASN A 247 -13.96 14.16 25.17
CA ASN A 247 -13.01 14.65 26.17
C ASN A 247 -11.60 14.77 25.61
N PRO A 248 -11.28 15.92 24.99
CA PRO A 248 -9.98 16.16 24.36
C PRO A 248 -8.82 16.32 25.34
N ASN A 249 -9.10 16.28 26.64
CA ASN A 249 -8.04 16.43 27.64
C ASN A 249 -7.40 15.10 28.01
N ALA A 250 -8.02 14.02 27.57
CA ALA A 250 -7.49 12.67 27.79
C ALA A 250 -6.21 12.46 26.98
N PRO A 251 -5.32 11.59 27.47
CA PRO A 251 -4.09 11.25 26.74
C PRO A 251 -4.37 10.78 25.33
N PRO A 252 -3.44 11.04 24.40
CA PRO A 252 -3.57 10.69 22.98
C PRO A 252 -3.91 9.21 22.75
N ARG A 253 -3.41 8.34 23.61
CA ARG A 253 -3.63 6.90 23.49
C ARG A 253 -5.11 6.54 23.57
N CYS A 254 -5.90 7.41 24.20
CA CYS A 254 -7.32 7.17 24.38
C CYS A 254 -8.14 7.80 23.25
N LEU A 255 -7.44 8.32 22.24
CA LEU A 255 -8.12 9.05 21.17
C LEU A 255 -8.08 8.31 19.83
N VAL A 256 -7.49 7.12 19.83
CA VAL A 256 -7.36 6.34 18.59
C VAL A 256 -7.93 4.94 18.75
N PRO A 257 -8.83 4.54 17.85
CA PRO A 257 -9.44 3.21 17.87
C PRO A 257 -8.44 2.10 17.58
N ARG A 258 -8.57 0.98 18.29
CA ARG A 258 -7.64 -0.13 18.15
C ARG A 258 -8.28 -1.33 17.45
N PHE A 259 -8.43 -1.22 16.14
CA PHE A 259 -9.01 -2.30 15.35
C PHE A 259 -8.07 -3.49 15.24
N PRO A 260 -8.63 -4.70 15.06
CA PRO A 260 -7.84 -5.90 14.83
C PRO A 260 -7.16 -5.87 13.46
N ASP A 261 -5.91 -6.31 13.39
CA ASP A 261 -5.13 -6.28 12.16
C ASP A 261 -5.10 -4.86 11.58
N ASP A 262 -4.47 -3.95 12.31
CA ASP A 262 -4.40 -2.56 11.88
C ASP A 262 -3.11 -1.94 12.41
N PRO A 263 -2.36 -1.26 11.51
CA PRO A 263 -1.09 -0.62 11.86
C PRO A 263 -1.22 0.38 12.99
OH ALY A 264 -9.03 4.00 11.92
CH ALY A 264 -8.18 3.18 11.50
CH3 ALY A 264 -8.43 2.39 10.23
NZ ALY A 264 -6.99 2.95 12.16
CE ALY A 264 -6.62 3.64 13.37
CD ALY A 264 -5.41 4.56 13.24
CG ALY A 264 -4.15 3.73 13.03
CB ALY A 264 -4.04 2.67 14.09
CA ALY A 264 -2.64 2.00 14.10
N ALY A 264 -2.36 1.05 13.05
C ALY A 264 -2.55 1.32 15.45
O ALY A 264 -1.94 1.79 16.41
N THR A 265 -3.16 0.15 15.51
CA THR A 265 -3.17 -0.66 16.74
C THR A 265 -1.75 -1.06 17.14
N ARG A 266 -0.99 -1.57 16.17
CA ARG A 266 0.37 -2.04 16.42
C ARG A 266 1.24 -0.92 16.95
N PHE A 267 1.18 0.24 16.31
CA PHE A 267 1.96 1.39 16.74
C PHE A 267 1.49 1.89 18.11
N LEU A 268 0.19 1.79 18.37
CA LEU A 268 -0.37 2.18 19.65
C LEU A 268 0.15 1.29 20.77
N ILE A 269 0.32 0.01 20.49
CA ILE A 269 0.88 -0.93 21.45
C ILE A 269 2.36 -0.62 21.69
N ASP A 270 3.10 -0.46 20.58
CA ASP A 270 4.51 -0.13 20.65
C ASP A 270 4.75 1.14 21.47
N LEU A 271 3.83 2.09 21.36
CA LEU A 271 3.91 3.32 22.13
C LEU A 271 3.51 3.10 23.58
N ASP A 272 2.51 2.24 23.79
CA ASP A 272 2.04 1.92 25.13
C ASP A 272 3.11 1.18 25.92
N ASP A 273 4.08 0.62 25.22
CA ASP A 273 5.22 -0.03 25.88
C ASP A 273 6.09 0.97 26.64
N GLU A 274 5.84 2.26 26.42
CA GLU A 274 6.62 3.32 27.05
C GLU A 274 5.97 3.83 28.34
N LEU A 275 4.89 3.17 28.74
CA LEU A 275 4.11 3.61 29.90
C LEU A 275 4.57 2.92 31.19
N PRO A 276 4.54 3.65 32.31
CA PRO A 276 4.88 3.10 33.62
C PRO A 276 3.67 2.51 34.33
N ASN A 287 3.17 11.64 35.22
CA ASN A 287 2.28 11.70 34.06
C ASN A 287 1.40 10.46 33.94
N SER A 288 0.10 10.68 33.82
CA SER A 288 -0.85 9.59 33.68
C SER A 288 -1.26 9.41 32.21
N GLY A 289 -0.91 8.27 31.65
CA GLY A 289 -1.31 7.93 30.29
C GLY A 289 -0.49 8.61 29.22
N HIS A 290 0.40 9.51 29.62
CA HIS A 290 1.24 10.24 28.68
C HIS A 290 2.40 9.39 28.20
N TRP A 291 2.63 9.40 26.88
CA TRP A 291 3.77 8.71 26.29
C TRP A 291 5.06 9.50 26.53
N ARG A 292 6.10 9.13 25.81
CA ARG A 292 7.38 9.84 25.89
C ARG A 292 7.82 10.33 24.51
N SER A 293 7.69 9.46 23.52
CA SER A 293 8.12 9.79 22.17
C SER A 293 7.04 10.55 21.41
N VAL A 294 5.79 10.36 21.81
CA VAL A 294 4.67 11.01 21.15
C VAL A 294 3.83 11.78 22.17
N LYS A 295 3.80 13.09 22.03
CA LYS A 295 3.14 13.97 23.00
C LYS A 295 1.72 14.31 22.58
N SER A 296 1.47 14.36 21.27
CA SER A 296 0.16 14.72 20.76
C SER A 296 -0.25 13.85 19.57
N LEU A 297 -1.45 14.08 19.06
CA LEU A 297 -1.98 13.31 17.93
C LEU A 297 -1.25 13.63 16.63
N ALA A 298 -0.88 14.90 16.47
CA ALA A 298 -0.16 15.34 15.29
C ALA A 298 1.17 14.62 15.17
N GLN A 299 1.87 14.50 16.29
CA GLN A 299 3.11 13.76 16.34
C GLN A 299 2.87 12.28 16.03
N PHE A 300 1.73 11.78 16.52
CA PHE A 300 1.35 10.39 16.29
C PHE A 300 1.24 10.09 14.81
N TRP A 301 0.56 10.97 14.07
CA TRP A 301 0.37 10.76 12.64
C TRP A 301 1.64 11.05 11.85
N GLU A 302 2.43 12.00 12.33
CA GLU A 302 3.72 12.30 11.73
C GLU A 302 4.62 11.06 11.78
N MET A 303 4.53 10.35 12.91
CA MET A 303 5.25 9.09 13.07
C MET A 303 4.62 7.98 12.24
N MET A 304 3.29 8.03 12.11
CA MET A 304 2.55 7.03 11.35
C MET A 304 2.90 7.07 9.87
N SER A 305 3.27 8.25 9.39
CA SER A 305 3.64 8.41 7.99
C SER A 305 4.97 7.72 7.67
N PHE A 306 5.64 7.21 8.70
CA PHE A 306 6.92 6.55 8.52
C PHE A 306 6.96 5.18 9.21
N ARG A 307 5.83 4.48 9.19
CA ARG A 307 5.76 3.12 9.72
C ARG A 307 6.02 2.11 8.61
N GLN A 308 6.22 0.86 8.98
CA GLN A 308 6.60 -0.18 8.01
C GLN A 308 5.50 -0.47 7.00
N GLU A 309 4.25 -0.27 7.40
CA GLU A 309 3.11 -0.57 6.54
C GLU A 309 2.79 0.59 5.60
N CYS A 310 3.08 1.81 6.03
CA CYS A 310 2.66 3.00 5.30
C CYS A 310 3.74 3.56 4.37
N SER A 311 4.92 2.98 4.41
CA SER A 311 6.03 3.47 3.61
C SER A 311 6.88 2.34 3.02
N ALA A 312 6.21 1.37 2.41
CA ALA A 312 6.92 0.25 1.79
C ALA A 312 6.99 0.42 0.28
N GLY A 313 6.94 1.66 -0.17
CA GLY A 313 7.01 1.96 -1.59
C GLY A 313 5.62 2.10 -2.20
N ARG A 314 4.60 1.93 -1.36
CA ARG A 314 3.22 2.02 -1.81
C ARG A 314 2.42 2.94 -0.89
N LEU A 315 1.50 3.70 -1.48
CA LEU A 315 0.65 4.59 -0.70
C LEU A 315 -0.39 3.81 0.09
N VAL A 316 -0.89 4.44 1.15
CA VAL A 316 -1.84 3.79 2.06
C VAL A 316 -2.93 4.78 2.45
N GLY A 317 -4.16 4.30 2.58
CA GLY A 317 -5.28 5.16 2.94
C GLY A 317 -5.93 4.87 4.28
N PHE A 318 -6.27 5.94 4.99
CA PHE A 318 -7.06 5.85 6.22
C PHE A 318 -8.38 6.58 6.01
N LEU A 319 -9.50 5.86 6.07
CA LEU A 319 -10.79 6.47 5.75
C LEU A 319 -11.78 6.38 6.90
N TRP A 320 -12.44 7.50 7.20
CA TRP A 320 -13.47 7.55 8.23
C TRP A 320 -14.69 8.31 7.74
N LEU A 321 -15.86 7.92 8.23
CA LEU A 321 -17.10 8.62 7.90
C LEU A 321 -17.92 8.87 9.15
N VAL A 322 -18.02 10.15 9.54
CA VAL A 322 -18.73 10.52 10.75
C VAL A 322 -20.13 11.00 10.46
N ILE A 323 -21.12 10.35 11.08
CA ILE A 323 -22.52 10.72 10.93
C ILE A 323 -23.13 11.13 12.26
N ASN A 324 -23.57 12.39 12.32
CA ASN A 324 -24.17 12.95 13.52
C ASN A 324 -25.63 13.33 13.32
N PRO A 325 -26.55 12.50 13.84
CA PRO A 325 -27.98 12.83 13.82
C PRO A 325 -28.38 13.64 15.05
N PRO A 326 -29.11 14.76 14.86
CA PRO A 326 -29.59 15.58 15.97
C PRO A 326 -30.58 14.84 16.86
N PHE A 407 -36.05 -14.30 16.44
CA PHE A 407 -35.07 -13.84 15.46
C PHE A 407 -35.09 -12.32 15.35
N PHE A 408 -34.26 -11.67 16.15
CA PHE A 408 -34.20 -10.21 16.17
C PHE A 408 -33.12 -9.70 15.22
N TRP A 409 -33.39 -9.80 13.91
CA TRP A 409 -32.44 -9.38 12.90
C TRP A 409 -33.12 -8.73 11.70
N PRO A 410 -32.57 -7.59 11.25
CA PRO A 410 -33.12 -6.82 10.12
C PRO A 410 -33.08 -7.58 8.80
N ASP A 411 -31.95 -8.22 8.50
CA ASP A 411 -31.82 -8.99 7.27
C ASP A 411 -32.59 -10.30 7.40
N THR A 412 -33.55 -10.51 6.51
CA THR A 412 -34.44 -11.66 6.61
C THR A 412 -34.28 -12.65 5.46
N GLY A 413 -33.49 -12.28 4.45
CA GLY A 413 -33.25 -13.15 3.32
C GLY A 413 -32.60 -14.45 3.73
N ARG A 414 -32.75 -15.48 2.90
CA ARG A 414 -32.20 -16.79 3.24
C ARG A 414 -30.69 -16.80 3.17
N GLY A 415 -30.11 -15.76 2.57
CA GLY A 415 -28.67 -15.61 2.51
C GLY A 415 -28.08 -15.35 3.87
N HIS A 416 -28.91 -14.85 4.77
CA HIS A 416 -28.47 -14.52 6.12
C HIS A 416 -28.34 -15.77 6.99
N ALA A 417 -27.24 -15.84 7.73
CA ALA A 417 -27.00 -16.94 8.67
C ALA A 417 -26.31 -16.42 9.92
N VAL A 418 -27.00 -16.50 11.06
CA VAL A 418 -26.44 -16.05 12.32
C VAL A 418 -25.82 -17.22 13.07
N LEU A 419 -24.49 -17.22 13.14
CA LEU A 419 -23.76 -18.28 13.83
C LEU A 419 -23.13 -17.77 15.12
N SER A 420 -22.74 -18.69 15.98
CA SER A 420 -22.01 -18.33 17.19
C SER A 420 -20.63 -17.82 16.80
N GLU A 421 -19.94 -17.18 17.75
CA GLU A 421 -18.61 -16.65 17.51
C GLU A 421 -17.69 -17.76 16.98
N GLU A 422 -17.72 -18.89 17.68
CA GLU A 422 -16.94 -20.07 17.32
C GLU A 422 -17.27 -20.54 15.91
N ASP A 423 -18.57 -20.70 15.62
CA ASP A 423 -19.01 -21.20 14.32
C ASP A 423 -18.74 -20.20 13.21
N TYR A 424 -18.85 -18.91 13.53
CA TYR A 424 -18.53 -17.86 12.57
C TYR A 424 -17.08 -17.95 12.17
N LYS A 425 -16.20 -17.96 13.17
CA LYS A 425 -14.77 -18.09 12.93
C LYS A 425 -14.47 -19.36 12.14
N ALA A 426 -15.15 -20.45 12.47
CA ALA A 426 -14.97 -21.71 11.78
C ALA A 426 -15.30 -21.60 10.29
N ALA A 427 -16.44 -21.00 10.00
CA ALA A 427 -16.91 -20.84 8.62
C ALA A 427 -15.96 -19.96 7.81
N ILE A 428 -15.69 -18.76 8.35
CA ILE A 428 -14.83 -17.80 7.66
C ILE A 428 -13.44 -18.38 7.41
N ASN A 429 -12.84 -18.94 8.46
CA ASN A 429 -11.51 -19.55 8.34
C ASN A 429 -11.53 -20.73 7.37
N PHE A 430 -12.65 -21.43 7.29
CA PHE A 430 -12.78 -22.52 6.32
C PHE A 430 -12.74 -21.95 4.91
N LEU A 431 -13.37 -20.79 4.73
CA LEU A 431 -13.41 -20.16 3.41
C LEU A 431 -12.06 -19.60 2.98
N ILE A 432 -11.41 -18.86 3.87
CA ILE A 432 -10.22 -18.10 3.50
C ILE A 432 -8.95 -18.94 3.37
N ASP A 433 -9.02 -20.23 3.71
CA ASP A 433 -7.88 -21.10 3.49
C ASP A 433 -8.22 -22.16 2.45
N GLN A 434 -8.70 -21.71 1.29
CA GLN A 434 -9.02 -22.59 0.19
C GLN A 434 -8.13 -22.28 -1.01
N ASP A 435 -8.37 -22.98 -2.12
CA ASP A 435 -7.62 -22.73 -3.34
C ASP A 435 -8.53 -22.15 -4.42
N PHE A 436 -8.04 -21.10 -5.09
CA PHE A 436 -8.80 -20.44 -6.14
C PHE A 436 -7.92 -20.18 -7.35
N ASN A 437 -6.92 -21.04 -7.52
CA ASN A 437 -5.97 -20.91 -8.62
C ASN A 437 -6.63 -21.04 -9.99
N THR A 438 -7.49 -22.05 -10.13
CA THR A 438 -8.19 -22.28 -11.37
C THR A 438 -9.70 -22.15 -11.19
N LYS A 439 -10.44 -22.25 -12.29
CA LYS A 439 -11.89 -22.17 -12.25
C LYS A 439 -12.48 -23.32 -11.44
N HIS A 440 -12.02 -24.53 -11.75
CA HIS A 440 -12.50 -25.73 -11.07
C HIS A 440 -12.20 -25.69 -9.58
N LYS A 441 -11.02 -25.20 -9.21
CA LYS A 441 -10.64 -25.08 -7.81
C LYS A 441 -11.53 -24.08 -7.08
N ALA A 442 -11.81 -22.96 -7.75
CA ALA A 442 -12.65 -21.91 -7.18
C ALA A 442 -14.08 -22.41 -6.95
N ILE A 443 -14.61 -23.09 -7.96
CA ILE A 443 -15.96 -23.66 -7.87
C ILE A 443 -16.04 -24.69 -6.77
N ALA A 444 -15.04 -25.57 -6.71
CA ALA A 444 -14.98 -26.62 -5.69
C ALA A 444 -14.94 -26.04 -4.30
N SER A 445 -14.10 -25.02 -4.11
CA SER A 445 -13.97 -24.35 -2.82
C SER A 445 -15.27 -23.66 -2.44
N THR A 446 -15.93 -23.08 -3.43
CA THR A 446 -17.22 -22.43 -3.23
C THR A 446 -18.25 -23.42 -2.72
N LYS A 447 -18.35 -24.56 -3.40
CA LYS A 447 -19.28 -25.62 -3.03
C LYS A 447 -19.00 -26.14 -1.62
N ALA A 448 -17.73 -26.45 -1.36
CA ALA A 448 -17.31 -26.98 -0.06
C ALA A 448 -17.66 -26.02 1.07
N TRP A 449 -17.34 -24.75 0.88
CA TRP A 449 -17.63 -23.75 1.90
C TRP A 449 -19.13 -23.57 2.09
N ALA A 450 -19.87 -23.59 0.99
CA ALA A 450 -21.33 -23.46 1.05
C ALA A 450 -21.93 -24.58 1.90
N GLU A 451 -21.45 -25.80 1.65
CA GLU A 451 -21.91 -26.96 2.40
C GLU A 451 -21.53 -26.87 3.87
N LYS A 452 -20.32 -26.38 4.14
CA LYS A 452 -19.86 -26.24 5.52
C LYS A 452 -20.71 -25.23 6.28
N VAL A 453 -21.06 -24.14 5.60
CA VAL A 453 -21.94 -23.12 6.18
C VAL A 453 -23.32 -23.69 6.43
N ALA A 454 -23.82 -24.46 5.47
CA ALA A 454 -25.10 -25.13 5.63
C ALA A 454 -25.09 -26.05 6.84
N SER A 455 -23.95 -26.69 7.08
CA SER A 455 -23.79 -27.58 8.21
C SER A 455 -23.75 -26.84 9.54
N LEU A 456 -23.01 -25.74 9.58
CA LEU A 456 -22.86 -24.97 10.80
C LEU A 456 -24.15 -24.28 11.22
N ALA A 457 -25.01 -24.00 10.25
CA ALA A 457 -26.28 -23.32 10.51
C ALA A 457 -27.41 -24.33 10.69
N ASP A 458 -27.05 -25.61 10.63
CA ASP A 458 -28.02 -26.70 10.73
C ASP A 458 -29.13 -26.56 9.71
N GLN A 459 -28.75 -26.35 8.46
CA GLN A 459 -29.70 -26.26 7.37
C GLN A 459 -29.24 -27.12 6.19
N LEU A 460 -30.11 -27.29 5.21
CA LEU A 460 -29.75 -28.06 4.03
C LEU A 460 -29.13 -27.14 2.98
N TRP A 461 -29.38 -25.85 3.12
CA TRP A 461 -28.84 -24.85 2.19
C TRP A 461 -28.81 -23.47 2.84
N VAL A 462 -27.76 -22.72 2.57
CA VAL A 462 -27.65 -21.35 3.03
C VAL A 462 -27.26 -20.45 1.85
N GLY A 463 -27.96 -19.33 1.70
CA GLY A 463 -27.70 -18.42 0.61
C GLY A 463 -28.95 -18.12 -0.17
N GLN A 464 -28.98 -16.97 -0.83
CA GLN A 464 -30.16 -16.61 -1.63
C GLN A 464 -29.77 -16.06 -2.99
N ARG A 465 -30.75 -15.96 -3.89
CA ARG A 465 -30.49 -15.46 -5.23
C ARG A 465 -31.04 -14.05 -5.42
N VAL A 466 -30.26 -13.23 -6.12
CA VAL A 466 -30.59 -11.82 -6.32
C VAL A 466 -30.47 -11.43 -7.79
N GLU A 467 -31.45 -10.70 -8.30
CA GLU A 467 -31.43 -10.23 -9.67
C GLU A 467 -31.68 -8.72 -9.72
N GLY A 468 -30.75 -7.99 -10.34
CA GLY A 468 -30.83 -6.55 -10.40
C GLY A 468 -32.00 -6.02 -11.20
N ARG A 469 -32.53 -4.87 -10.80
CA ARG A 469 -33.68 -4.28 -11.47
C ARG A 469 -33.31 -2.97 -12.16
N ASN A 470 -32.39 -2.23 -11.57
CA ASN A 470 -31.98 -0.93 -12.11
C ASN A 470 -31.31 -1.07 -13.48
N ALA A 471 -31.58 -0.12 -14.37
CA ALA A 471 -31.04 -0.18 -15.73
C ALA A 471 -30.59 1.18 -16.24
N THR A 472 -30.61 2.18 -15.36
CA THR A 472 -30.19 3.52 -15.73
C THR A 472 -28.68 3.61 -15.94
N MET B 35 5.21 20.04 0.40
CA MET B 35 4.56 20.88 -0.59
C MET B 35 5.53 21.27 -1.69
N SER B 36 5.38 20.66 -2.85
CA SER B 36 6.24 20.96 -4.00
C SER B 36 5.56 21.92 -4.96
N VAL B 37 6.33 22.88 -5.47
CA VAL B 37 5.83 23.82 -6.46
C VAL B 37 5.72 23.14 -7.82
N VAL B 38 6.70 22.30 -8.14
CA VAL B 38 6.71 21.55 -9.38
C VAL B 38 6.64 20.06 -9.10
N SER B 39 5.78 19.36 -9.84
CA SER B 39 5.62 17.91 -9.68
C SER B 39 5.20 17.24 -10.98
N LEU B 40 5.81 16.11 -11.28
CA LEU B 40 5.51 15.36 -12.50
C LEU B 40 4.09 14.81 -12.50
N LEU B 41 3.57 14.54 -13.69
CA LEU B 41 2.24 13.96 -13.82
C LEU B 41 2.25 12.76 -14.77
N GLY B 42 3.27 12.68 -15.61
CA GLY B 42 3.40 11.56 -16.51
C GLY B 42 4.64 11.60 -17.39
N VAL B 43 5.15 10.43 -17.73
CA VAL B 43 6.28 10.31 -18.65
C VAL B 43 6.02 9.20 -19.65
N LYS B 44 5.75 9.58 -20.90
CA LYS B 44 5.43 8.61 -21.94
C LYS B 44 6.57 8.43 -22.93
N ILE B 45 7.11 7.22 -23.01
CA ILE B 45 8.20 6.93 -23.93
C ILE B 45 7.66 6.75 -25.35
N VAL B 46 8.14 7.60 -26.27
CA VAL B 46 7.62 7.61 -27.63
C VAL B 46 8.11 6.43 -28.46
N ASN B 47 9.43 6.35 -28.67
CA ASN B 47 10.02 5.28 -29.45
C ASN B 47 10.37 4.07 -28.58
N ASN B 48 9.47 3.09 -28.57
CA ASN B 48 9.66 1.89 -27.74
C ASN B 48 8.80 0.74 -28.25
N PRO B 49 9.40 -0.44 -28.43
CA PRO B 49 10.83 -0.71 -28.23
C PRO B 49 11.71 -0.29 -29.42
N ALA B 50 12.47 0.78 -29.24
CA ALA B 50 13.37 1.27 -30.27
C ALA B 50 14.69 0.51 -30.22
N PRO B 51 15.47 0.56 -31.32
CA PRO B 51 16.81 -0.06 -31.28
C PRO B 51 17.72 0.62 -30.26
N PHE B 52 18.80 -0.06 -29.87
CA PHE B 52 19.67 0.42 -28.80
C PHE B 52 20.33 1.76 -29.13
N LEU B 53 20.74 1.93 -30.39
CA LEU B 53 21.47 3.14 -30.78
C LEU B 53 20.52 4.30 -31.10
N ALA B 54 19.23 4.00 -31.14
CA ALA B 54 18.22 5.03 -31.36
C ALA B 54 18.21 6.03 -30.21
N PRO B 55 18.02 7.32 -30.52
CA PRO B 55 18.01 8.36 -29.49
C PRO B 55 16.80 8.24 -28.56
N TYR B 56 17.00 8.54 -27.28
CA TYR B 56 15.91 8.48 -26.30
C TYR B 56 15.01 9.70 -26.44
N GLN B 57 13.70 9.45 -26.50
CA GLN B 57 12.73 10.53 -26.66
C GLN B 57 11.58 10.38 -25.67
N PHE B 58 11.48 11.32 -24.73
CA PHE B 58 10.46 11.25 -23.70
C PHE B 58 9.42 12.37 -23.82
N GLU B 59 8.15 12.01 -23.83
CA GLU B 59 7.08 12.98 -23.73
C GLU B 59 6.74 13.20 -22.26
N ILE B 60 7.24 14.29 -21.69
CA ILE B 60 7.12 14.53 -20.26
C ILE B 60 6.07 15.58 -19.95
N THR B 61 5.12 15.22 -19.10
CA THR B 61 4.05 16.12 -18.67
C THR B 61 4.12 16.35 -17.17
N PHE B 62 4.38 17.59 -16.78
CA PHE B 62 4.49 17.97 -15.37
C PHE B 62 3.52 19.10 -15.03
N GLU B 63 3.54 19.51 -13.76
CA GLU B 63 2.65 20.55 -13.27
C GLU B 63 3.40 21.58 -12.43
N CYS B 64 3.09 22.86 -12.66
CA CYS B 64 3.71 23.94 -11.90
C CYS B 64 2.64 24.80 -11.22
N LEU B 65 2.90 25.19 -9.98
CA LEU B 65 1.93 25.94 -9.19
C LEU B 65 2.08 27.44 -9.38
N GLU B 66 3.30 27.91 -9.54
CA GLU B 66 3.57 29.34 -9.68
C GLU B 66 4.88 29.59 -10.41
N GLN B 67 4.97 30.74 -11.09
CA GLN B 67 6.15 31.10 -11.86
C GLN B 67 7.39 31.16 -10.98
N LEU B 68 8.50 30.61 -11.48
CA LEU B 68 9.74 30.56 -10.73
C LEU B 68 10.85 31.36 -11.41
N GLN B 69 11.81 31.82 -10.61
CA GLN B 69 12.92 32.62 -11.11
C GLN B 69 13.88 31.78 -11.96
N LYS B 70 14.40 30.71 -11.37
CA LYS B 70 15.35 29.85 -12.06
C LYS B 70 14.65 28.90 -13.03
N ASP B 71 15.44 28.04 -13.68
CA ASP B 71 14.90 27.10 -14.66
C ASP B 71 14.94 25.67 -14.13
N LEU B 72 14.40 24.74 -14.91
CA LEU B 72 14.39 23.33 -14.53
C LEU B 72 15.46 22.57 -15.32
N GLU B 73 16.31 21.85 -14.60
CA GLU B 73 17.36 21.07 -15.23
C GLU B 73 16.99 19.59 -15.28
N TRP B 74 17.12 18.99 -16.46
CA TRP B 74 16.74 17.60 -16.66
C TRP B 74 17.93 16.77 -17.17
N LYS B 75 18.32 15.78 -16.38
CA LYS B 75 19.41 14.88 -16.75
C LYS B 75 18.87 13.48 -17.03
N LEU B 76 19.59 12.74 -17.86
CA LEU B 76 19.21 11.36 -18.16
C LEU B 76 20.43 10.46 -18.11
N THR B 77 20.62 9.78 -17.00
CA THR B 77 21.81 8.97 -16.77
C THR B 77 21.59 7.49 -17.07
N TYR B 78 22.41 6.94 -17.96
CA TYR B 78 22.37 5.52 -18.28
C TYR B 78 23.41 4.78 -17.45
N VAL B 79 22.97 3.77 -16.71
CA VAL B 79 23.93 2.98 -15.93
C VAL B 79 24.40 1.77 -16.74
N GLY B 80 25.59 1.89 -17.31
CA GLY B 80 26.15 0.84 -18.15
C GLY B 80 26.42 -0.44 -17.39
N SER B 81 26.91 -0.30 -16.16
CA SER B 81 27.18 -1.47 -15.32
C SER B 81 26.71 -1.21 -13.88
N ALA B 82 25.98 -2.18 -13.35
CA ALA B 82 25.42 -2.05 -12.00
C ALA B 82 26.47 -2.33 -10.93
N THR B 83 27.57 -2.96 -11.33
CA THR B 83 28.63 -3.32 -10.40
C THR B 83 29.27 -2.10 -9.76
N SER B 84 29.23 -0.97 -10.47
CA SER B 84 29.81 0.27 -9.96
C SER B 84 29.06 1.49 -10.48
N SER B 85 29.08 2.56 -9.70
CA SER B 85 28.41 3.80 -10.07
C SER B 85 29.30 4.66 -10.96
N GLU B 86 30.38 4.07 -11.45
CA GLU B 86 31.35 4.77 -12.29
C GLU B 86 30.96 4.72 -13.76
N TYR B 87 30.28 3.64 -14.14
CA TYR B 87 29.87 3.45 -15.54
C TYR B 87 28.63 4.24 -15.87
N ASP B 88 28.24 5.15 -14.97
CA ASP B 88 27.11 6.03 -15.19
C ASP B 88 27.43 7.08 -16.24
N GLN B 89 26.54 7.24 -17.21
CA GLN B 89 26.75 8.19 -18.29
C GLN B 89 25.60 9.18 -18.38
N GLU B 90 25.89 10.45 -18.07
CA GLU B 90 24.91 11.51 -18.25
C GLU B 90 24.76 11.78 -19.75
N LEU B 91 23.79 11.09 -20.36
CA LEU B 91 23.61 11.13 -21.81
C LEU B 91 23.31 12.53 -22.34
N ASP B 92 22.46 13.27 -21.63
CA ASP B 92 22.10 14.63 -22.04
C ASP B 92 21.48 15.42 -20.90
N SER B 93 21.76 16.72 -20.88
CA SER B 93 21.21 17.62 -19.87
C SER B 93 20.52 18.81 -20.53
N LEU B 94 19.25 19.01 -20.24
CA LEU B 94 18.49 20.11 -20.82
C LEU B 94 17.99 21.10 -19.78
N LEU B 95 17.65 22.30 -20.25
CA LEU B 95 17.14 23.35 -19.36
C LEU B 95 15.79 23.86 -19.87
N VAL B 96 14.87 24.11 -18.94
CA VAL B 96 13.55 24.62 -19.30
C VAL B 96 13.21 25.85 -18.46
N GLY B 97 13.12 27.00 -19.11
CA GLY B 97 12.79 28.23 -18.42
C GLY B 97 12.35 29.34 -19.37
N PRO B 98 11.37 30.15 -18.95
CA PRO B 98 10.71 30.05 -17.64
C PRO B 98 9.65 28.96 -17.59
N ILE B 99 8.96 28.84 -16.46
CA ILE B 99 7.96 27.78 -16.29
C ILE B 99 6.56 28.37 -16.13
N PRO B 100 5.69 28.10 -17.11
CA PRO B 100 4.29 28.55 -17.06
C PRO B 100 3.51 27.91 -15.91
N VAL B 101 2.46 28.60 -15.45
CA VAL B 101 1.63 28.10 -14.37
C VAL B 101 0.56 27.15 -14.89
N GLY B 102 0.58 25.91 -14.40
CA GLY B 102 -0.40 24.92 -14.81
C GLY B 102 0.26 23.64 -15.33
N VAL B 103 -0.44 22.93 -16.19
CA VAL B 103 0.07 21.68 -16.76
C VAL B 103 0.89 21.94 -18.01
N ASN B 104 2.11 21.41 -18.04
CA ASN B 104 2.99 21.62 -19.18
C ASN B 104 3.57 20.31 -19.72
N LYS B 105 3.57 20.17 -21.04
CA LYS B 105 4.14 19.00 -21.70
C LYS B 105 5.28 19.41 -22.61
N PHE B 106 6.34 18.59 -22.66
CA PHE B 106 7.47 18.88 -23.52
C PHE B 106 8.19 17.61 -23.96
N LEU B 107 9.00 17.74 -25.01
CA LEU B 107 9.77 16.62 -25.53
C LEU B 107 11.21 16.68 -25.02
N PHE B 108 11.75 15.52 -24.66
CA PHE B 108 13.10 15.41 -24.14
C PHE B 108 13.90 14.43 -24.97
N GLU B 109 14.86 14.94 -25.74
CA GLU B 109 15.70 14.09 -26.58
C GLU B 109 17.10 13.94 -25.99
N ALA B 110 17.63 12.72 -26.06
CA ALA B 110 18.96 12.43 -25.55
C ALA B 110 19.69 11.45 -26.46
N ASP B 111 21.00 11.63 -26.61
CA ASP B 111 21.80 10.77 -27.47
C ASP B 111 21.99 9.39 -26.86
N ALA B 112 22.19 8.40 -27.71
CA ALA B 112 22.46 7.03 -27.27
C ALA B 112 23.78 6.96 -26.51
N PRO B 113 23.89 6.01 -25.57
CA PRO B 113 25.12 5.88 -24.78
C PRO B 113 26.33 5.46 -25.61
N ASP B 114 27.52 5.57 -25.02
CA ASP B 114 28.76 5.23 -25.70
C ASP B 114 29.21 3.82 -25.33
N LEU B 115 29.61 3.06 -26.35
CA LEU B 115 30.04 1.68 -26.15
C LEU B 115 31.42 1.60 -25.52
N LYS B 116 32.21 2.66 -25.71
CA LYS B 116 33.58 2.69 -25.22
C LYS B 116 33.64 2.95 -23.72
N ARG B 117 32.47 3.08 -23.11
CA ARG B 117 32.39 3.30 -21.66
C ARG B 117 31.49 2.25 -21.01
N ILE B 118 31.15 1.22 -21.78
CA ILE B 118 30.31 0.13 -21.30
C ILE B 118 31.02 -1.21 -21.46
N PRO B 119 31.04 -2.03 -20.39
CA PRO B 119 31.60 -3.38 -20.47
C PRO B 119 30.91 -4.21 -21.56
N THR B 120 31.71 -4.96 -22.31
CA THR B 120 31.19 -5.73 -23.44
C THR B 120 30.35 -6.93 -23.00
N SER B 121 30.32 -7.19 -21.70
CA SER B 121 29.59 -8.33 -21.17
C SER B 121 28.23 -7.92 -20.60
N GLU B 122 28.24 -6.94 -19.70
CA GLU B 122 27.02 -6.51 -19.02
C GLU B 122 26.18 -5.56 -19.87
N ILE B 123 26.60 -5.33 -21.11
CA ILE B 123 25.88 -4.43 -22.00
C ILE B 123 24.54 -5.05 -22.42
N LEU B 124 24.55 -6.35 -22.70
CA LEU B 124 23.34 -7.06 -23.08
C LEU B 124 22.66 -7.65 -21.84
N GLY B 125 21.37 -7.38 -21.69
CA GLY B 125 20.62 -7.89 -20.56
C GLY B 125 19.73 -6.84 -19.94
N VAL B 126 19.81 -6.70 -18.61
CA VAL B 126 18.96 -5.76 -17.90
C VAL B 126 19.79 -4.69 -17.17
N THR B 127 19.48 -3.43 -17.42
CA THR B 127 20.15 -2.32 -16.77
C THR B 127 19.15 -1.26 -16.34
N VAL B 128 19.65 -0.10 -15.92
CA VAL B 128 18.77 0.96 -15.41
C VAL B 128 19.12 2.35 -15.95
N ILE B 129 18.08 3.18 -16.07
CA ILE B 129 18.26 4.58 -16.46
C ILE B 129 17.52 5.50 -15.48
N LEU B 130 18.10 6.69 -15.25
CA LEU B 130 17.55 7.63 -14.29
C LEU B 130 17.25 8.99 -14.92
N LEU B 131 16.00 9.41 -14.82
CA LEU B 131 15.62 10.75 -15.25
C LEU B 131 15.56 11.67 -14.04
N THR B 132 16.47 12.65 -14.00
CA THR B 132 16.61 13.52 -12.84
C THR B 132 16.13 14.95 -13.13
N CYS B 133 15.19 15.42 -12.33
CA CYS B 133 14.74 16.81 -12.43
C CYS B 133 15.19 17.60 -11.21
N SER B 134 15.91 18.69 -11.46
CA SER B 134 16.46 19.52 -10.39
C SER B 134 16.20 21.00 -10.63
N TYR B 135 15.76 21.70 -9.59
CA TYR B 135 15.54 23.14 -9.69
C TYR B 135 16.69 23.91 -9.03
N ASP B 136 17.29 24.82 -9.79
CA ASP B 136 18.41 25.64 -9.32
C ASP B 136 19.55 24.75 -8.82
N GLY B 137 19.77 23.64 -9.52
CA GLY B 137 20.85 22.72 -9.18
C GLY B 137 20.45 21.71 -8.12
N ARG B 138 19.41 22.02 -7.37
CA ARG B 138 18.95 21.17 -6.28
C ARG B 138 18.01 20.07 -6.78
N GLU B 139 18.45 18.83 -6.67
CA GLU B 139 17.68 17.67 -7.14
C GLU B 139 16.45 17.45 -6.26
N PHE B 140 15.28 17.33 -6.90
CA PHE B 140 14.04 17.15 -6.16
C PHE B 140 13.13 16.09 -6.77
N VAL B 141 13.42 15.69 -8.01
CA VAL B 141 12.69 14.57 -8.60
C VAL B 141 13.66 13.55 -9.21
N ARG B 142 13.44 12.27 -8.91
CA ARG B 142 14.30 11.22 -9.44
C ARG B 142 13.49 10.00 -9.89
N VAL B 143 13.32 9.86 -11.21
CA VAL B 143 12.57 8.74 -11.76
C VAL B 143 13.49 7.64 -12.24
N GLY B 144 13.11 6.38 -12.00
CA GLY B 144 13.92 5.25 -12.40
C GLY B 144 13.21 4.30 -13.34
N TYR B 145 13.93 3.84 -14.37
CA TYR B 145 13.37 2.90 -15.34
C TYR B 145 14.30 1.71 -15.59
N TYR B 146 13.70 0.54 -15.82
CA TYR B 146 14.45 -0.65 -16.21
C TYR B 146 14.60 -0.71 -17.72
N VAL B 147 15.70 -1.28 -18.19
CA VAL B 147 15.96 -1.44 -19.62
C VAL B 147 16.38 -2.88 -19.95
N ASN B 148 15.74 -3.48 -20.94
CA ASN B 148 16.12 -4.83 -21.37
C ASN B 148 16.61 -4.87 -22.80
N ASN B 149 17.93 -5.03 -22.98
CA ASN B 149 18.52 -5.16 -24.30
C ASN B 149 18.33 -6.57 -24.84
N GLU B 150 17.67 -6.68 -25.99
CA GLU B 150 17.35 -7.98 -26.58
C GLU B 150 17.78 -8.08 -28.04
N TYR B 151 18.19 -9.28 -28.46
CA TYR B 151 18.50 -9.53 -29.86
C TYR B 151 17.21 -9.68 -30.65
N ASP B 152 17.19 -9.15 -31.86
CA ASP B 152 15.98 -9.13 -32.69
C ASP B 152 15.55 -10.54 -33.12
N SER B 153 16.48 -11.49 -33.06
CA SER B 153 16.17 -12.88 -33.41
C SER B 153 16.52 -13.81 -32.26
N GLU B 154 15.77 -14.90 -32.14
CA GLU B 154 15.99 -15.88 -31.08
C GLU B 154 17.28 -16.65 -31.34
N GLU B 155 17.65 -16.78 -32.61
CA GLU B 155 18.86 -17.49 -33.01
C GLU B 155 20.10 -16.83 -32.42
N LEU B 156 20.08 -15.51 -32.35
CA LEU B 156 21.19 -14.75 -31.77
C LEU B 156 21.19 -14.83 -30.25
N THR B 157 20.00 -15.01 -29.67
CA THR B 157 19.87 -15.13 -28.23
C THR B 157 20.37 -16.48 -27.75
N GLN B 158 20.15 -17.51 -28.56
CA GLN B 158 20.61 -18.86 -28.24
C GLN B 158 22.13 -18.96 -28.37
N ASP B 159 22.66 -18.42 -29.47
CA ASP B 159 24.10 -18.42 -29.70
C ASP B 159 24.64 -17.01 -29.86
N PRO B 160 24.90 -16.32 -28.74
CA PRO B 160 25.42 -14.95 -28.78
C PRO B 160 26.87 -14.89 -29.23
N PRO B 161 27.19 -13.96 -30.14
CA PRO B 161 28.56 -13.78 -30.64
C PRO B 161 29.45 -13.11 -29.60
N ALA B 162 30.76 -13.36 -29.68
CA ALA B 162 31.71 -12.74 -28.77
C ALA B 162 31.76 -11.23 -28.98
N LYS B 163 31.53 -10.82 -30.23
CA LYS B 163 31.47 -9.40 -30.57
C LYS B 163 30.02 -8.94 -30.60
N PRO B 164 29.71 -7.88 -29.84
CA PRO B 164 28.34 -7.34 -29.74
C PRO B 164 27.84 -6.74 -31.04
N ILE B 165 26.73 -7.26 -31.56
CA ILE B 165 26.12 -6.73 -32.78
C ILE B 165 25.11 -5.64 -32.43
N ILE B 166 25.57 -4.39 -32.44
CA ILE B 166 24.75 -3.26 -32.02
C ILE B 166 23.60 -2.99 -33.00
N GLU B 167 23.81 -3.38 -34.25
CA GLU B 167 22.80 -3.16 -35.29
C GLU B 167 21.69 -4.21 -35.24
N ARG B 168 21.79 -5.12 -34.28
CA ARG B 168 20.79 -6.16 -34.11
C ARG B 168 20.25 -6.20 -32.68
N ILE B 169 20.66 -5.22 -31.88
CA ILE B 169 20.19 -5.15 -30.49
C ILE B 169 19.14 -4.05 -30.32
N ARG B 170 17.94 -4.45 -29.93
CA ARG B 170 16.87 -3.50 -29.65
C ARG B 170 16.63 -3.42 -28.14
N ARG B 171 16.48 -2.20 -27.64
CA ARG B 171 16.19 -1.99 -26.23
C ARG B 171 14.68 -2.02 -25.99
N ASN B 172 14.29 -2.57 -24.84
CA ASN B 172 12.90 -2.58 -24.43
C ASN B 172 12.77 -2.09 -23.00
N ILE B 173 12.24 -0.90 -22.83
CA ILE B 173 12.09 -0.32 -21.50
C ILE B 173 10.63 -0.34 -21.07
N LEU B 174 10.40 -0.48 -19.77
CA LEU B 174 9.04 -0.55 -19.25
C LEU B 174 8.54 0.84 -18.88
N ALA B 175 7.31 1.14 -19.29
CA ALA B 175 6.68 2.41 -18.93
C ALA B 175 5.56 2.15 -17.94
N GLU B 176 5.40 0.88 -17.58
CA GLU B 176 4.34 0.45 -16.68
C GLU B 176 4.50 1.06 -15.28
N LYS B 177 5.59 0.71 -14.60
CA LYS B 177 5.80 1.18 -13.23
C LYS B 177 7.17 1.84 -13.06
N PRO B 178 7.24 3.16 -13.31
CA PRO B 178 8.45 3.93 -13.06
C PRO B 178 8.68 4.13 -11.56
N ARG B 179 9.94 4.06 -11.12
CA ARG B 179 10.24 4.23 -9.70
C ARG B 179 10.50 5.69 -9.39
N VAL B 180 9.46 6.39 -8.95
CA VAL B 180 9.53 7.83 -8.72
C VAL B 180 9.89 8.16 -7.28
N THR B 181 10.93 8.98 -7.10
CA THR B 181 11.34 9.44 -5.79
C THR B 181 11.29 10.96 -5.71
N ARG B 182 10.46 11.47 -4.80
CA ARG B 182 10.26 12.90 -4.66
C ARG B 182 10.97 13.47 -3.44
N PHE B 183 11.88 14.40 -3.67
CA PHE B 183 12.59 15.08 -2.59
C PHE B 183 12.00 16.46 -2.32
N ALA B 184 12.14 16.93 -1.09
CA ALA B 184 11.65 18.26 -0.73
C ALA B 184 12.82 19.24 -0.68
N ILE B 185 12.73 20.30 -1.49
CA ILE B 185 13.79 21.30 -1.54
C ILE B 185 13.24 22.71 -1.38
N LYS B 186 14.13 23.65 -1.06
CA LYS B 186 13.79 25.06 -1.05
C LYS B 186 13.84 25.60 -2.47
N TRP B 187 12.84 26.38 -2.85
CA TRP B 187 12.76 26.90 -4.21
C TRP B 187 13.43 28.26 -4.35
N ASP B 188 12.63 29.31 -4.28
CA ASP B 188 13.14 30.68 -4.42
C ASP B 188 13.45 31.30 -3.07
N LYS C 43 23.61 -25.24 -7.82
CA LYS C 43 22.98 -25.42 -6.52
C LYS C 43 23.84 -24.82 -5.40
N PRO C 44 23.93 -23.48 -5.37
CA PRO C 44 24.79 -22.79 -4.39
C PRO C 44 24.15 -22.65 -3.01
N GLY C 45 22.88 -23.02 -2.91
CA GLY C 45 22.14 -22.86 -1.67
C GLY C 45 20.84 -22.12 -1.91
N THR C 46 20.35 -22.22 -3.14
CA THR C 46 19.11 -21.58 -3.55
C THR C 46 17.91 -22.09 -2.74
N VAL C 47 17.14 -21.16 -2.19
CA VAL C 47 15.99 -21.51 -1.37
C VAL C 47 14.70 -20.95 -1.96
N ALA C 48 13.67 -21.81 -2.04
CA ALA C 48 12.35 -21.37 -2.47
C ALA C 48 11.55 -20.91 -1.26
N LEU C 49 11.01 -19.69 -1.34
CA LEU C 49 10.30 -19.10 -0.20
C LEU C 49 8.87 -19.62 -0.11
N ARG C 50 8.36 -19.71 1.12
CA ARG C 50 7.01 -20.19 1.37
C ARG C 50 5.97 -19.29 0.73
N GLU C 51 4.97 -19.91 0.09
CA GLU C 51 3.90 -19.17 -0.57
C GLU C 51 3.10 -18.30 0.40
N ILE C 52 2.87 -17.05 0.01
CA ILE C 52 1.99 -16.18 0.78
C ILE C 52 0.55 -16.42 0.34
N ARG C 53 -0.18 -17.22 1.10
CA ARG C 53 -1.54 -17.56 0.76
C ARG C 53 -2.46 -16.35 0.89
N ARG C 54 -2.20 -15.52 1.88
CA ARG C 54 -3.02 -14.34 2.13
C ARG C 54 -2.25 -13.30 2.95
N PHE C 55 -2.32 -12.05 2.52
CA PHE C 55 -1.62 -10.97 3.20
C PHE C 55 -2.42 -10.43 4.37
N GLN C 56 -1.80 -9.56 5.15
CA GLN C 56 -2.48 -8.87 6.24
C GLN C 56 -2.04 -7.42 6.29
N LYS C 57 -2.89 -6.56 6.82
CA LYS C 57 -2.67 -5.12 6.78
C LYS C 57 -1.60 -4.66 7.76
N SER C 58 -1.52 -5.31 8.91
CA SER C 58 -0.48 -4.99 9.89
C SER C 58 0.46 -6.17 10.05
N THR C 59 1.76 -5.90 10.05
CA THR C 59 2.76 -6.95 10.18
C THR C 59 3.83 -6.59 11.20
N GLU C 60 4.21 -7.56 12.03
CA GLU C 60 5.29 -7.38 12.99
C GLU C 60 6.62 -7.31 12.25
N LEU C 61 7.56 -6.54 12.78
CA LEU C 61 8.88 -6.42 12.18
C LEU C 61 9.60 -7.77 12.25
N LEU C 62 10.26 -8.14 11.16
CA LEU C 62 10.86 -9.47 11.05
C LEU C 62 12.22 -9.56 11.72
N ILE C 63 13.01 -8.50 11.62
CA ILE C 63 14.34 -8.46 12.24
C ILE C 63 14.24 -8.45 13.76
N ARG C 64 15.04 -9.28 14.41
CA ARG C 64 15.09 -9.34 15.86
C ARG C 64 15.60 -8.00 16.43
N LYS C 65 15.05 -7.60 17.57
CA LYS C 65 15.31 -6.26 18.09
C LYS C 65 16.73 -6.08 18.61
N LEU C 66 17.23 -7.02 19.39
CA LEU C 66 18.56 -6.91 19.98
C LEU C 66 19.70 -6.86 18.94
N PRO C 67 19.69 -7.74 17.92
CA PRO C 67 20.74 -7.61 16.90
C PRO C 67 20.71 -6.26 16.19
N PHE C 68 19.51 -5.75 15.91
CA PHE C 68 19.36 -4.45 15.27
C PHE C 68 19.88 -3.34 16.19
N GLN C 69 19.65 -3.52 17.49
CA GLN C 69 20.07 -2.53 18.48
C GLN C 69 21.59 -2.46 18.58
N ARG C 70 22.23 -3.62 18.69
CA ARG C 70 23.68 -3.67 18.80
C ARG C 70 24.31 -3.22 17.48
N LEU C 71 23.62 -3.47 16.37
CA LEU C 71 24.06 -2.96 15.07
C LEU C 71 24.05 -1.44 15.07
N VAL C 72 22.93 -0.86 15.47
CA VAL C 72 22.79 0.60 15.54
C VAL C 72 23.84 1.21 16.46
N ARG C 73 24.12 0.53 17.57
CA ARG C 73 25.13 0.99 18.51
C ARG C 73 26.52 0.97 17.87
N GLU C 74 26.80 -0.10 17.13
CA GLU C 74 28.08 -0.21 16.42
C GLU C 74 28.25 0.92 15.41
N ILE C 75 27.21 1.16 14.62
CA ILE C 75 27.23 2.20 13.62
C ILE C 75 27.40 3.58 14.27
N ALA C 76 26.74 3.77 15.41
CA ALA C 76 26.85 5.02 16.15
C ALA C 76 28.27 5.22 16.65
N GLN C 77 28.91 4.14 17.07
CA GLN C 77 30.30 4.21 17.49
C GLN C 77 31.23 4.55 16.33
N ASP C 78 30.97 3.95 15.18
CA ASP C 78 31.81 4.15 14.01
C ASP C 78 31.67 5.56 13.44
N PHE C 79 30.61 6.25 13.82
CA PHE C 79 30.39 7.62 13.38
C PHE C 79 31.05 8.60 14.34
N LYS C 80 31.67 8.05 15.37
CA LYS C 80 32.39 8.82 16.39
C LYS C 80 31.49 9.85 17.05
N THR C 81 30.59 9.37 17.91
CA THR C 81 29.72 10.26 18.68
C THR C 81 29.43 9.64 20.05
N ASP C 82 29.15 10.48 21.04
CA ASP C 82 28.85 10.01 22.38
C ASP C 82 27.34 10.00 22.64
N LEU C 83 26.56 10.02 21.56
CA LEU C 83 25.12 9.99 21.66
C LEU C 83 24.59 8.57 21.55
N ARG C 84 23.40 8.33 22.10
CA ARG C 84 22.72 7.05 21.94
C ARG C 84 21.25 7.28 21.63
N PHE C 85 20.62 6.27 21.03
CA PHE C 85 19.24 6.40 20.58
C PHE C 85 18.24 5.94 21.64
N GLN C 86 17.07 6.58 21.66
CA GLN C 86 15.97 6.12 22.48
C GLN C 86 15.45 4.80 21.91
N SER C 87 14.77 4.02 22.76
CA SER C 87 14.20 2.76 22.32
C SER C 87 13.17 2.98 21.21
N SER C 88 12.42 4.06 21.33
CA SER C 88 11.44 4.44 20.32
C SER C 88 12.15 4.84 19.03
N ALA C 89 13.29 5.51 19.18
CA ALA C 89 14.09 5.92 18.04
C ALA C 89 14.61 4.71 17.28
N ILE C 90 15.15 3.74 18.01
CA ILE C 90 15.62 2.50 17.40
C ILE C 90 14.46 1.75 16.75
N GLY C 91 13.29 1.84 17.39
CA GLY C 91 12.09 1.26 16.83
C GLY C 91 11.81 1.85 15.45
N ALA C 92 11.76 3.17 15.38
CA ALA C 92 11.53 3.87 14.12
C ALA C 92 12.57 3.51 13.08
N LEU C 93 13.82 3.42 13.52
CA LEU C 93 14.92 3.01 12.65
C LEU C 93 14.64 1.65 12.03
N GLN C 94 14.18 0.71 12.85
CA GLN C 94 13.89 -0.64 12.37
C GLN C 94 12.72 -0.64 11.40
N GLU C 95 11.69 0.15 11.72
CA GLU C 95 10.54 0.29 10.83
C GLU C 95 11.00 0.75 9.44
N SER C 96 11.77 1.83 9.42
CA SER C 96 12.26 2.40 8.18
C SER C 96 13.15 1.43 7.41
N VAL C 97 14.07 0.79 8.12
CA VAL C 97 14.99 -0.17 7.50
C VAL C 97 14.23 -1.31 6.83
N GLU C 98 13.28 -1.90 7.55
CA GLU C 98 12.53 -3.03 7.02
C GLU C 98 11.61 -2.62 5.86
N ALA C 99 11.03 -1.42 5.96
CA ALA C 99 10.21 -0.90 4.87
C ALA C 99 11.06 -0.75 3.60
N TYR C 100 12.21 -0.10 3.77
CA TYR C 100 13.17 0.08 2.69
C TYR C 100 13.56 -1.25 2.05
N LEU C 101 13.82 -2.23 2.90
CA LEU C 101 14.22 -3.56 2.42
C LEU C 101 13.10 -4.25 1.65
N VAL C 102 11.87 -4.10 2.12
CA VAL C 102 10.72 -4.70 1.44
C VAL C 102 10.52 -4.09 0.06
N SER C 103 10.55 -2.77 0.00
CA SER C 103 10.41 -2.07 -1.29
C SER C 103 11.54 -2.47 -2.24
N LEU C 104 12.75 -2.45 -1.73
CA LEU C 104 13.93 -2.83 -2.51
C LEU C 104 13.82 -4.26 -3.02
N PHE C 105 13.18 -5.12 -2.24
CA PHE C 105 12.98 -6.50 -2.62
C PHE C 105 11.90 -6.64 -3.67
N GLU C 106 10.92 -5.73 -3.64
CA GLU C 106 9.92 -5.67 -4.70
C GLU C 106 10.60 -5.32 -6.01
N ASP C 107 11.39 -4.24 -5.98
CA ASP C 107 12.13 -3.81 -7.16
C ASP C 107 13.09 -4.89 -7.65
N THR C 108 13.68 -5.62 -6.70
CA THR C 108 14.59 -6.71 -7.02
C THR C 108 13.87 -7.82 -7.76
N ASN C 109 12.69 -8.19 -7.25
CA ASN C 109 11.87 -9.21 -7.87
C ASN C 109 11.47 -8.80 -9.29
N LEU C 110 11.09 -7.53 -9.45
CA LEU C 110 10.73 -7.01 -10.75
C LEU C 110 11.93 -7.07 -11.71
N ALA C 111 13.11 -6.76 -11.20
CA ALA C 111 14.33 -6.80 -12.00
C ALA C 111 14.65 -8.23 -12.43
N ALA C 112 14.38 -9.18 -11.54
CA ALA C 112 14.63 -10.59 -11.83
C ALA C 112 13.61 -11.13 -12.81
N ILE C 113 12.42 -10.54 -12.82
CA ILE C 113 11.37 -10.95 -13.75
C ILE C 113 11.74 -10.58 -15.18
N HIS C 114 12.24 -9.37 -15.38
CA HIS C 114 12.60 -8.89 -16.71
C HIS C 114 13.89 -9.52 -17.23
N ALA C 115 14.49 -10.36 -16.40
CA ALA C 115 15.65 -11.16 -16.83
C ALA C 115 15.20 -12.59 -17.08
N LYS C 116 13.88 -12.79 -17.10
CA LYS C 116 13.26 -14.09 -17.28
C LYS C 116 13.76 -15.12 -16.26
N ARG C 117 13.72 -14.73 -14.99
CA ARG C 117 14.12 -15.62 -13.91
C ARG C 117 13.17 -15.48 -12.72
N VAL C 118 13.10 -16.52 -11.90
CA VAL C 118 12.28 -16.50 -10.70
C VAL C 118 13.16 -16.27 -9.49
N THR C 119 14.41 -16.70 -9.58
CA THR C 119 15.39 -16.55 -8.50
C THR C 119 16.09 -15.20 -8.60
N ILE C 120 15.99 -14.41 -7.52
CA ILE C 120 16.66 -13.11 -7.50
C ILE C 120 18.15 -13.28 -7.19
N GLN C 121 18.96 -12.34 -7.68
CA GLN C 121 20.40 -12.42 -7.50
C GLN C 121 20.97 -11.10 -7.00
N LYS C 122 22.29 -11.07 -6.83
CA LYS C 122 22.98 -9.89 -6.31
C LYS C 122 22.87 -8.71 -7.28
N LYS C 123 23.07 -9.00 -8.55
CA LYS C 123 22.98 -7.99 -9.60
C LYS C 123 21.60 -7.36 -9.64
N ASP C 124 20.58 -8.16 -9.35
CA ASP C 124 19.21 -7.69 -9.28
C ASP C 124 19.05 -6.68 -8.14
N ILE C 125 19.70 -6.96 -7.02
CA ILE C 125 19.65 -6.06 -5.87
C ILE C 125 20.34 -4.74 -6.18
N LYS C 126 21.52 -4.83 -6.79
CA LYS C 126 22.24 -3.62 -7.18
C LYS C 126 21.41 -2.78 -8.16
N LEU C 127 20.80 -3.45 -9.12
CA LEU C 127 19.94 -2.79 -10.11
C LEU C 127 18.74 -2.13 -9.45
N ALA C 128 18.19 -2.78 -8.43
CA ALA C 128 17.06 -2.23 -7.70
C ALA C 128 17.50 -0.98 -6.93
N ARG C 129 18.69 -1.05 -6.37
CA ARG C 129 19.28 0.08 -5.66
C ARG C 129 19.41 1.29 -6.58
N ARG C 130 20.02 1.05 -7.75
CA ARG C 130 20.19 2.12 -8.73
C ARG C 130 18.85 2.63 -9.23
N LEU C 131 17.86 1.74 -9.25
CA LEU C 131 16.50 2.09 -9.68
C LEU C 131 15.86 3.05 -8.70
N ARG C 132 16.04 2.79 -7.41
CA ARG C 132 15.51 3.66 -6.37
C ARG C 132 16.12 5.06 -6.45
N GLY C 133 17.32 5.12 -7.01
CA GLY C 133 18.07 6.37 -7.09
C GLY C 133 19.25 6.32 -6.14
N GLU C 134 19.76 5.11 -5.93
CA GLU C 134 20.85 4.86 -5.00
C GLU C 134 20.54 5.35 -3.59
N ARG C 135 19.78 4.54 -2.85
CA ARG C 135 19.47 4.79 -1.43
C ARG C 135 18.71 6.10 -1.24
N ILE D 22 41.52 -7.77 13.73
CA ILE D 22 40.23 -7.65 13.07
C ILE D 22 39.09 -7.79 14.07
N LEU D 23 38.17 -6.82 14.05
CA LEU D 23 37.03 -6.82 14.96
C LEU D 23 35.82 -7.51 14.34
N ARG D 24 34.79 -7.73 15.14
CA ARG D 24 33.57 -8.36 14.66
C ARG D 24 32.59 -7.32 14.13
N ASP D 25 31.73 -7.71 13.20
CA ASP D 25 30.70 -6.83 12.67
C ASP D 25 29.32 -7.38 13.02
N ASN D 26 28.44 -6.48 13.47
CA ASN D 26 27.10 -6.88 13.89
C ASN D 26 26.14 -7.04 12.71
N ILE D 27 26.55 -6.60 11.53
CA ILE D 27 25.72 -6.71 10.34
C ILE D 27 25.64 -8.18 9.91
N GLN D 28 26.60 -8.97 10.35
CA GLN D 28 26.58 -10.41 10.09
C GLN D 28 25.75 -11.11 11.15
N GLY D 29 25.14 -10.31 12.03
CA GLY D 29 24.27 -10.82 13.08
C GLY D 29 22.84 -10.89 12.60
N ILE D 30 22.52 -10.15 11.54
CA ILE D 30 21.22 -10.23 10.91
C ILE D 30 21.08 -11.55 10.20
N THR D 31 20.43 -12.51 10.85
CA THR D 31 20.36 -13.88 10.37
C THR D 31 19.72 -14.02 9.00
N LYS D 32 20.11 -15.08 8.29
CA LYS D 32 19.57 -15.36 6.96
C LYS D 32 18.05 -15.58 6.92
N PRO D 33 17.47 -16.31 7.90
CA PRO D 33 16.01 -16.47 7.85
C PRO D 33 15.24 -15.15 7.85
N ALA D 34 15.75 -14.15 8.57
CA ALA D 34 15.12 -12.84 8.60
C ALA D 34 15.14 -12.20 7.22
N ILE D 35 16.28 -12.34 6.54
CA ILE D 35 16.45 -11.82 5.20
C ILE D 35 15.50 -12.51 4.22
N ARG D 36 15.40 -13.83 4.34
CA ARG D 36 14.51 -14.61 3.48
C ARG D 36 13.06 -14.23 3.70
N ARG D 37 12.70 -13.98 4.96
CA ARG D 37 11.33 -13.59 5.28
C ARG D 37 11.03 -12.20 4.73
N LEU D 38 12.00 -11.29 4.85
CA LEU D 38 11.87 -9.95 4.30
C LEU D 38 11.74 -9.99 2.78
N ALA D 39 12.43 -10.93 2.15
CA ALA D 39 12.35 -11.12 0.71
C ALA D 39 10.98 -11.66 0.32
N ARG D 40 10.50 -12.62 1.09
CA ARG D 40 9.19 -13.21 0.89
C ARG D 40 8.10 -12.15 0.97
N ARG D 41 8.20 -11.27 1.96
CA ARG D 41 7.25 -10.18 2.13
C ARG D 41 7.32 -9.21 0.95
N GLY D 42 8.48 -9.14 0.32
CA GLY D 42 8.69 -8.27 -0.82
C GLY D 42 8.18 -8.85 -2.11
N GLY D 43 7.67 -10.08 -2.05
CA GLY D 43 7.10 -10.73 -3.21
C GLY D 43 8.06 -11.66 -3.94
N VAL D 44 9.26 -11.83 -3.38
CA VAL D 44 10.25 -12.72 -3.97
C VAL D 44 9.83 -14.18 -3.80
N LYS D 45 10.00 -14.96 -4.86
CA LYS D 45 9.62 -16.38 -4.82
C LYS D 45 10.81 -17.26 -4.45
N ARG D 46 11.95 -17.04 -5.11
CA ARG D 46 13.17 -17.79 -4.85
C ARG D 46 14.37 -16.87 -4.75
N ILE D 47 15.34 -17.23 -3.92
CA ILE D 47 16.56 -16.44 -3.78
C ILE D 47 17.82 -17.28 -3.99
N SER D 48 18.89 -16.63 -4.41
CA SER D 48 20.18 -17.32 -4.59
C SER D 48 20.89 -17.46 -3.26
N GLY D 49 21.63 -18.53 -3.09
CA GLY D 49 22.31 -18.81 -1.83
C GLY D 49 23.36 -17.79 -1.46
N LEU D 50 23.92 -17.13 -2.47
CA LEU D 50 24.99 -16.16 -2.26
C LEU D 50 24.49 -14.73 -2.44
N ILE D 51 23.51 -14.34 -1.64
CA ILE D 51 22.89 -13.03 -1.80
C ILE D 51 22.84 -12.26 -0.48
N TYR D 52 22.98 -12.98 0.63
CA TYR D 52 22.79 -12.39 1.96
C TYR D 52 23.83 -11.31 2.29
N GLU D 53 25.04 -11.48 1.79
CA GLU D 53 26.12 -10.53 2.03
C GLU D 53 25.77 -9.16 1.46
N GLU D 54 25.27 -9.15 0.23
CA GLU D 54 24.88 -7.90 -0.42
C GLU D 54 23.71 -7.25 0.30
N VAL D 55 22.75 -8.08 0.74
CA VAL D 55 21.59 -7.60 1.49
C VAL D 55 22.05 -6.89 2.76
N ARG D 56 22.95 -7.54 3.48
CA ARG D 56 23.52 -6.96 4.69
C ARG D 56 24.27 -5.67 4.39
N ALA D 57 24.93 -5.63 3.23
CA ALA D 57 25.64 -4.44 2.79
C ALA D 57 24.70 -3.26 2.59
N VAL D 58 23.61 -3.49 1.86
CA VAL D 58 22.62 -2.45 1.58
C VAL D 58 21.94 -1.97 2.86
N LEU D 59 21.51 -2.94 3.67
CA LEU D 59 20.91 -2.66 4.97
C LEU D 59 21.82 -1.75 5.78
N LYS D 60 23.07 -2.15 5.89
CA LYS D 60 24.04 -1.39 6.68
C LYS D 60 24.26 0.00 6.10
N SER D 61 24.28 0.12 4.78
CA SER D 61 24.50 1.42 4.15
C SER D 61 23.34 2.39 4.44
N PHE D 62 22.11 1.90 4.24
CA PHE D 62 20.92 2.71 4.50
C PHE D 62 20.85 3.13 5.97
N LEU D 63 20.91 2.14 6.85
CA LEU D 63 20.85 2.41 8.29
C LEU D 63 21.94 3.38 8.70
N GLU D 64 23.14 3.21 8.11
CA GLU D 64 24.23 4.14 8.31
C GLU D 64 23.79 5.54 7.99
N SER D 65 23.42 5.79 6.74
CA SER D 65 22.99 7.12 6.30
C SER D 65 21.95 7.76 7.24
N VAL D 66 20.89 7.01 7.53
CA VAL D 66 19.83 7.51 8.41
C VAL D 66 20.40 7.89 9.77
N ILE D 67 21.29 7.06 10.31
CA ILE D 67 21.91 7.32 11.59
C ILE D 67 22.79 8.57 11.54
N ARG D 68 23.54 8.76 10.45
CA ARG D 68 24.35 9.95 10.29
C ARG D 68 23.47 11.19 10.38
N ASP D 69 22.41 11.20 9.59
CA ASP D 69 21.49 12.34 9.56
C ASP D 69 20.87 12.62 10.93
N SER D 70 20.32 11.58 11.55
CA SER D 70 19.67 11.73 12.84
C SER D 70 20.62 12.23 13.93
N VAL D 71 21.79 11.61 14.00
CA VAL D 71 22.80 11.98 15.00
C VAL D 71 23.26 13.43 14.78
N THR D 72 23.44 13.82 13.52
CA THR D 72 23.84 15.18 13.20
C THR D 72 22.77 16.18 13.65
N TYR D 73 21.52 15.89 13.32
CA TYR D 73 20.40 16.75 13.70
C TYR D 73 20.31 16.88 15.21
N THR D 74 20.56 15.78 15.91
CA THR D 74 20.51 15.77 17.36
C THR D 74 21.64 16.60 17.95
N GLU D 75 22.83 16.47 17.35
CA GLU D 75 24.00 17.22 17.78
C GLU D 75 23.77 18.72 17.63
N HIS D 76 23.28 19.14 16.48
CA HIS D 76 23.01 20.56 16.25
C HIS D 76 21.91 21.07 17.17
N ALA D 77 21.03 20.18 17.61
CA ALA D 77 19.97 20.54 18.54
C ALA D 77 20.52 20.67 19.95
N LYS D 78 21.78 20.26 20.11
CA LYS D 78 22.47 20.32 21.40
C LYS D 78 21.74 19.51 22.48
N ARG D 79 21.40 18.28 22.14
CA ARG D 79 20.79 17.35 23.08
C ARG D 79 21.60 16.06 23.14
N LYS D 80 21.49 15.33 24.25
CA LYS D 80 22.35 14.17 24.48
C LYS D 80 21.72 12.85 24.04
N THR D 81 20.44 12.88 23.69
CA THR D 81 19.75 11.65 23.29
C THR D 81 18.94 11.85 22.02
N VAL D 82 19.09 10.91 21.09
CA VAL D 82 18.37 10.97 19.83
C VAL D 82 16.95 10.44 19.97
N THR D 83 15.97 11.33 19.87
CA THR D 83 14.56 10.95 19.97
C THR D 83 14.05 10.39 18.65
N SER D 84 12.85 9.80 18.68
CA SER D 84 12.25 9.21 17.49
C SER D 84 11.95 10.26 16.43
N LEU D 85 11.62 11.47 16.87
CA LEU D 85 11.33 12.57 15.95
C LEU D 85 12.57 12.94 15.15
N ASP D 86 13.73 12.87 15.80
CA ASP D 86 15.00 13.11 15.11
C ASP D 86 15.16 12.12 13.96
N VAL D 87 14.80 10.87 14.21
CA VAL D 87 14.82 9.83 13.19
C VAL D 87 13.83 10.15 12.09
N VAL D 88 12.68 10.70 12.45
CA VAL D 88 11.69 11.10 11.46
C VAL D 88 12.22 12.18 10.53
N TYR D 89 12.76 13.25 11.10
CA TYR D 89 13.32 14.35 10.32
C TYR D 89 14.53 13.87 9.52
N ALA D 90 15.19 12.82 9.99
CA ALA D 90 16.29 12.21 9.25
C ALA D 90 15.76 11.45 8.03
N LEU D 91 14.62 10.78 8.20
CA LEU D 91 14.02 9.99 7.13
C LEU D 91 13.36 10.88 6.09
N LYS D 92 12.97 12.08 6.49
CA LYS D 92 12.35 13.03 5.56
C LYS D 92 13.33 13.47 4.48
N ARG D 93 14.61 13.28 4.74
CA ARG D 93 15.66 13.64 3.78
C ARG D 93 15.91 12.51 2.79
N GLN D 94 15.40 11.33 3.09
CA GLN D 94 15.59 10.16 2.24
C GLN D 94 14.64 10.15 1.05
N GLY D 95 13.62 11.00 1.10
CA GLY D 95 12.68 11.10 0.01
C GLY D 95 11.61 10.03 0.03
N ARG D 96 10.57 10.22 -0.78
CA ARG D 96 9.45 9.29 -0.84
C ARG D 96 9.47 8.47 -2.13
N THR D 97 9.48 7.16 -2.01
CA THR D 97 9.52 6.27 -3.17
C THR D 97 8.17 5.61 -3.42
N LEU D 98 7.65 5.77 -4.63
CA LEU D 98 6.35 5.20 -4.99
C LEU D 98 6.34 4.66 -6.42
N TYR D 99 5.17 4.24 -6.87
CA TYR D 99 4.96 3.87 -8.27
C TYR D 99 4.05 4.89 -8.95
N GLY D 100 4.33 5.19 -10.21
CA GLY D 100 3.50 6.11 -10.97
C GLY D 100 3.60 7.54 -10.50
N PHE D 101 2.66 8.37 -10.96
CA PHE D 101 2.66 9.79 -10.64
C PHE D 101 1.34 10.24 -10.03
N GLY D 102 0.25 9.97 -10.74
CA GLY D 102 -1.07 10.35 -10.28
C GLY D 102 -1.61 11.57 -11.00
N1A COA E . -9.03 -4.85 -16.54
C2A COA E . -8.99 -3.52 -16.62
N3A COA E . -9.86 -2.75 -15.96
C4A COA E . -10.84 -3.30 -15.19
C5A COA E . -10.93 -4.71 -15.08
C6A COA E . -9.96 -5.48 -15.81
N6A COA E . -10.00 -6.91 -15.75
N7A COA E . -11.99 -4.96 -14.26
C8A COA E . -12.52 -3.80 -13.88
N9A COA E . -11.85 -2.78 -14.43
C1B COA E . -12.14 -1.34 -14.24
C2B COA E . -13.65 -1.07 -14.41
O2B COA E . -13.92 -0.63 -15.75
C3B COA E . -13.96 0.05 -13.40
O3B COA E . -13.96 1.35 -14.08
P3B COA E . -14.09 2.68 -13.22
O7A COA E . -12.70 3.25 -12.96
O8A COA E . -14.78 2.40 -11.91
O9A COA E . -14.90 3.70 -14.00
C4B COA E . -12.80 -0.03 -12.37
O4B COA E . -11.82 -0.97 -12.87
C5B COA E . -13.35 -0.49 -10.99
O5B COA E . -13.96 -1.79 -11.15
P1A COA E . -14.49 -2.55 -9.82
O1A COA E . -16.01 -2.63 -9.81
O2A COA E . -14.03 -1.81 -8.59
O3A COA E . -13.91 -4.05 -9.78
P2A COA E . -12.34 -4.39 -9.73
O4A COA E . -11.54 -3.11 -9.85
O5A COA E . -11.99 -5.30 -10.88
O6A COA E . -12.00 -5.10 -8.35
CBP COA E . -11.06 -4.96 -6.14
CCP COA E . -12.09 -4.37 -7.12
CDP COA E . -10.02 -3.89 -5.80
CEP COA E . -11.77 -5.43 -4.86
CAP COA E . -10.37 -6.14 -6.85
OAP COA E . -9.60 -5.64 -7.89
C9P COA E . -9.47 -6.95 -5.92
O9P COA E . -9.91 -7.95 -5.37
N8P COA E . -8.08 -6.57 -5.72
C7P COA E . -7.20 -7.33 -4.85
C6P COA E . -7.64 -7.22 -3.38
C5P COA E . -7.37 -5.91 -2.66
O5P COA E . -6.55 -5.12 -3.10
N4P COA E . -8.09 -5.58 -1.45
C3P COA E . -7.83 -4.33 -0.78
C2P COA E . -8.82 -4.09 0.36
S1P COA E . -8.41 -2.57 1.19
I IOD F . -28.07 -7.59 9.75
I IOD G . -8.67 19.45 3.06
I IOD H . -4.08 15.67 20.89
I IOD I . -11.15 19.38 -3.41
I IOD J . -11.95 -16.23 -15.76
I IOD K . -4.26 15.30 13.71
I IOD L . 0.97 11.69 -4.46
I IOD M . -13.80 17.11 14.19
I IOD N . -20.78 3.55 -6.29
I IOD O . -7.96 -0.33 29.03
I IOD P . -17.60 -23.98 -16.27
I IOD Q . -3.18 4.60 31.84
I IOD R . -2.57 -5.58 15.32
I IOD S . -11.87 -14.02 10.78
I IOD T . -3.17 15.04 10.05
I IOD U . 1.25 -0.77 -6.14
I IOD V . -25.12 -0.72 23.71
I IOD W . 7.26 14.32 -8.45
I IOD X . 22.33 3.21 20.70
I IOD Y . 27.05 -7.94 -9.65
I IOD Z . 10.50 -18.28 3.90
I IOD AA . 12.71 -9.44 19.21
I IOD BA . 11.63 5.98 24.90
I IOD CA . 0.36 -17.38 4.79
I IOD DA . 15.58 -19.10 -12.26
I IOD EA . 2.76 -11.14 12.06
I IOD FA . -9.42 -3.77 2.08
I IOD GA . 20.90 -18.65 -8.75
I IOD HA . -7.05 -20.02 9.08
I IOD IA . -1.81 -16.58 9.55
I IOD JA . 26.95 -1.22 -1.11
I IOD KA . 17.68 -11.29 13.11
I IOD LA . 26.39 -15.12 1.31
I IOD MA . 23.78 -14.13 -6.26
I IOD NA . 3.64 -11.43 4.73
I IOD OA . 13.62 -20.38 11.34
I IOD PA . 31.41 9.27 7.51
#